data_4RGA
#
_entry.id   4RGA
#
_cell.length_a   166.370
_cell.length_b   166.370
_cell.length_c   166.370
_cell.angle_alpha   90.00
_cell.angle_beta   90.00
_cell.angle_gamma   90.00
#
_symmetry.space_group_name_H-M   'P 21 3'
#
loop_
_entity.id
_entity.type
_entity.pdbx_description
1 polymer 'Phage 1358 receptor binding protein (ORF20)'
2 branched '2-acetamido-2-deoxy-beta-D-glucopyranose-(1-2)-beta-D-galactofuranose-(1-6)-methyl alpha-D-glucopyranoside'
3 water water
#
_entity_poly.entity_id   1
_entity_poly.type   'polypeptide(L)'
_entity_poly.pdbx_seq_one_letter_code
;GVLKGINFDRSIVTPENEASILDLAMQNRSGVLDGMTIDILNTTSNQLALFHGTAVLQGYGIEITRAANGAPDVLVDTTG
QSNETMLLCLTIDLNQVNVPSGTVGTNTYAVDYKQIRLEFLDVPTLLKQYWRDHSLHDLIDPRRVISMPLYWITFGQTGT
TPKYEQIKSNYIDGGNSGNPAYGIAARCENFNHFINKVAVQSIPINGVANRPVSSTASQLTNYKVWRNPYLCSQDPRDKF
APDNLVIEEDGIYRIDISGSINIANYTFPASGNSWRVGGRYFQIVCARNSSANNLAEFGAEQHLPPSGVWTRRVLVGEYT
AGMTEQAFSSVATISLFKGDNFFLQFETGTNTSRDSAYNNGYGTSGTHLRNFSYTLERVGDLNGTAYYDNGTF
;
_entity_poly.pdbx_strand_id   A,B
#
# COMPACT_ATOMS: atom_id res chain seq x y z
N VAL A 2 41.97 44.68 7.78
CA VAL A 2 41.34 45.86 7.17
C VAL A 2 39.86 45.63 6.82
N LEU A 3 39.17 46.74 6.47
CA LEU A 3 37.78 46.75 6.03
C LEU A 3 37.76 46.47 4.54
N LYS A 4 37.23 45.32 4.16
CA LYS A 4 37.16 44.86 2.78
C LYS A 4 35.71 44.89 2.26
N GLY A 5 35.54 45.49 1.08
CA GLY A 5 34.27 45.53 0.38
C GLY A 5 34.18 44.31 -0.52
N ILE A 6 33.01 43.69 -0.62
CA ILE A 6 32.82 42.47 -1.42
C ILE A 6 32.19 42.76 -2.77
N ASN A 7 31.28 43.73 -2.75
CA ASN A 7 30.35 44.14 -3.79
C ASN A 7 30.60 45.55 -4.32
N PHE A 8 31.75 46.18 -3.99
CA PHE A 8 32.03 47.57 -4.33
C PHE A 8 32.59 47.75 -5.77
N ASP A 9 32.67 49.01 -6.24
CA ASP A 9 33.10 49.35 -7.60
C ASP A 9 34.44 48.70 -8.05
N ARG A 10 35.44 48.66 -7.17
CA ARG A 10 36.77 48.05 -7.44
C ARG A 10 36.90 46.59 -6.99
N SER A 11 35.83 46.00 -6.44
CA SER A 11 35.85 44.61 -5.97
C SER A 11 35.76 43.65 -7.15
N ILE A 12 36.30 42.44 -6.99
CA ILE A 12 36.18 41.35 -7.96
C ILE A 12 35.24 40.31 -7.34
N VAL A 13 34.10 40.01 -7.99
CA VAL A 13 33.13 39.02 -7.50
C VAL A 13 33.57 37.60 -7.92
N THR A 14 33.90 36.78 -6.90
CA THR A 14 34.41 35.42 -7.04
C THR A 14 33.32 34.31 -7.01
N PRO A 15 33.64 33.04 -7.41
CA PRO A 15 32.64 31.96 -7.32
C PRO A 15 32.11 31.73 -5.90
N GLU A 16 33.01 31.76 -4.87
CA GLU A 16 32.65 31.60 -3.46
C GLU A 16 31.68 32.71 -3.03
N ASN A 17 31.87 33.94 -3.58
CA ASN A 17 31.01 35.10 -3.32
C ASN A 17 29.59 34.84 -3.82
N GLU A 18 29.42 34.55 -5.14
CA GLU A 18 28.08 34.33 -5.70
C GLU A 18 27.36 33.10 -5.08
N ALA A 19 28.13 32.08 -4.62
CA ALA A 19 27.62 30.89 -3.94
C ALA A 19 27.13 31.27 -2.55
N SER A 20 27.89 32.13 -1.84
CA SER A 20 27.46 32.64 -0.53
C SER A 20 26.15 33.43 -0.68
N ILE A 21 25.98 34.20 -1.80
CA ILE A 21 24.78 34.99 -2.07
C ILE A 21 23.57 34.07 -2.32
N LEU A 22 23.71 33.07 -3.24
CA LEU A 22 22.65 32.10 -3.58
C LEU A 22 22.19 31.29 -2.33
N ASP A 23 23.15 30.91 -1.47
CA ASP A 23 22.84 30.16 -0.26
C ASP A 23 21.95 30.99 0.65
N LEU A 24 22.28 32.29 0.76
CA LEU A 24 21.48 33.24 1.53
C LEU A 24 20.05 33.31 0.96
N ALA A 25 19.95 33.39 -0.36
CA ALA A 25 18.68 33.45 -1.09
C ALA A 25 17.87 32.15 -0.94
N MET A 26 18.53 31.00 -0.65
CA MET A 26 17.93 29.68 -0.40
C MET A 26 17.60 29.46 1.09
N GLN A 27 17.74 30.50 1.93
CA GLN A 27 17.57 30.49 3.39
C GLN A 27 18.52 29.44 4.01
N ASN A 28 19.74 29.25 3.43
CA ASN A 28 20.75 28.26 3.85
C ASN A 28 20.30 26.81 3.73
N ARG A 29 19.33 26.53 2.85
CA ARG A 29 18.89 25.16 2.61
C ARG A 29 19.55 24.73 1.31
N SER A 30 19.93 23.47 1.24
CA SER A 30 20.48 22.87 0.04
C SER A 30 19.45 21.85 -0.41
N GLY A 31 19.46 21.54 -1.69
CA GLY A 31 18.53 20.53 -2.21
C GLY A 31 18.32 20.59 -3.71
N VAL A 32 17.68 19.55 -4.21
CA VAL A 32 17.32 19.41 -5.62
C VAL A 32 16.13 20.34 -5.91
N LEU A 33 16.31 21.29 -6.83
CA LEU A 33 15.25 22.24 -7.20
C LEU A 33 14.26 21.64 -8.21
N ASP A 34 14.75 20.77 -9.11
CA ASP A 34 13.93 20.06 -10.09
C ASP A 34 14.67 18.84 -10.60
N GLY A 35 13.92 17.86 -11.07
CA GLY A 35 14.44 16.62 -11.64
C GLY A 35 15.31 15.80 -10.70
N MET A 36 16.40 15.21 -11.27
CA MET A 36 17.39 14.38 -10.57
C MET A 36 16.76 13.15 -9.88
N THR A 37 15.66 12.64 -10.46
CA THR A 37 15.00 11.43 -9.96
C THR A 37 15.59 10.25 -10.71
N ILE A 38 15.49 9.07 -10.11
CA ILE A 38 16.01 7.83 -10.66
C ILE A 38 15.32 7.46 -11.99
N ASP A 39 16.11 6.99 -12.96
CA ASP A 39 15.65 6.57 -14.29
C ASP A 39 15.84 5.05 -14.31
N ILE A 40 14.78 4.29 -13.94
CA ILE A 40 14.86 2.83 -13.83
C ILE A 40 14.98 2.14 -15.23
N LEU A 41 14.45 2.75 -16.30
CA LEU A 41 14.54 2.20 -17.66
C LEU A 41 15.99 2.10 -18.15
N ASN A 42 16.83 3.09 -17.78
CA ASN A 42 18.24 3.12 -18.14
C ASN A 42 19.17 2.59 -17.02
N THR A 43 18.58 1.98 -15.97
CA THR A 43 19.32 1.39 -14.85
C THR A 43 19.50 -0.11 -15.07
N THR A 44 20.76 -0.57 -15.00
CA THR A 44 21.13 -1.98 -15.17
C THR A 44 21.74 -2.54 -13.86
N SER A 45 22.55 -3.61 -13.96
CA SER A 45 23.22 -4.25 -12.83
C SER A 45 24.65 -3.71 -12.64
N ASN A 46 25.08 -2.82 -13.55
CA ASN A 46 26.40 -2.19 -13.57
C ASN A 46 26.30 -0.66 -13.54
N GLN A 47 25.15 -0.10 -13.96
CA GLN A 47 24.91 1.33 -14.00
C GLN A 47 23.56 1.76 -13.39
N LEU A 48 23.54 2.97 -12.80
CA LEU A 48 22.35 3.58 -12.21
C LEU A 48 22.15 4.92 -12.92
N ALA A 49 20.98 5.10 -13.53
CA ALA A 49 20.66 6.31 -14.26
C ALA A 49 19.79 7.28 -13.49
N LEU A 50 20.03 8.57 -13.70
CA LEU A 50 19.29 9.67 -13.10
C LEU A 50 18.86 10.63 -14.21
N PHE A 51 17.69 11.23 -14.06
CA PHE A 51 17.16 12.19 -15.02
C PHE A 51 17.79 13.56 -14.82
N HIS A 52 17.72 14.42 -15.86
CA HIS A 52 18.21 15.79 -15.88
C HIS A 52 17.57 16.59 -14.74
N GLY A 53 18.30 17.56 -14.23
CA GLY A 53 17.80 18.40 -13.16
C GLY A 53 18.77 19.44 -12.67
N THR A 54 18.33 20.20 -11.66
CA THR A 54 19.08 21.29 -11.05
C THR A 54 19.03 21.14 -9.52
N ALA A 55 20.19 21.36 -8.87
CA ALA A 55 20.30 21.33 -7.41
C ALA A 55 21.16 22.48 -6.96
N VAL A 56 21.00 22.88 -5.69
CA VAL A 56 21.81 23.90 -5.07
C VAL A 56 22.40 23.28 -3.82
N LEU A 57 23.72 23.27 -3.71
CA LEU A 57 24.43 22.71 -2.58
C LEU A 57 25.29 23.80 -1.98
N GLN A 58 24.82 24.37 -0.85
CA GLN A 58 25.44 25.47 -0.11
C GLN A 58 25.81 26.64 -1.06
N GLY A 59 24.85 27.01 -1.90
CA GLY A 59 25.00 28.10 -2.84
C GLY A 59 25.61 27.76 -4.18
N TYR A 60 26.12 26.54 -4.35
CA TYR A 60 26.68 26.15 -5.64
C TYR A 60 25.61 25.45 -6.46
N GLY A 61 25.38 25.99 -7.66
CA GLY A 61 24.42 25.45 -8.61
C GLY A 61 24.99 24.26 -9.35
N ILE A 62 24.29 23.13 -9.31
CA ILE A 62 24.67 21.90 -9.98
C ILE A 62 23.56 21.52 -10.95
N GLU A 63 23.96 21.10 -12.14
CA GLU A 63 23.04 20.71 -13.19
C GLU A 63 23.41 19.38 -13.80
N ILE A 64 22.40 18.55 -14.09
CA ILE A 64 22.51 17.32 -14.86
C ILE A 64 21.81 17.72 -16.16
N THR A 65 22.57 17.73 -17.27
CA THR A 65 22.04 18.15 -18.58
C THR A 65 21.33 17.02 -19.32
N ARG A 66 20.33 17.38 -20.15
CA ARG A 66 19.57 16.44 -20.98
C ARG A 66 20.19 16.38 -22.39
N ALA A 67 20.20 15.17 -23.01
CA ALA A 67 20.71 14.95 -24.37
C ALA A 67 20.04 13.74 -25.05
N ALA A 68 19.81 13.81 -26.39
CA ALA A 68 19.21 12.78 -27.26
C ALA A 68 17.85 12.24 -26.74
N ALA A 71 18.22 10.77 -23.26
CA ALA A 71 18.46 9.82 -22.18
C ALA A 71 19.50 8.74 -22.59
N PRO A 72 20.31 8.19 -21.65
CA PRO A 72 20.37 8.47 -20.20
C PRO A 72 21.11 9.77 -19.89
N ASP A 73 20.43 10.70 -19.18
CA ASP A 73 20.92 12.03 -18.80
C ASP A 73 22.25 11.98 -18.02
N VAL A 74 22.43 10.95 -17.17
CA VAL A 74 23.65 10.68 -16.40
C VAL A 74 23.66 9.20 -15.97
N LEU A 75 24.85 8.61 -15.85
CA LEU A 75 25.07 7.22 -15.46
C LEU A 75 26.05 7.17 -14.30
N VAL A 76 25.74 6.36 -13.28
CA VAL A 76 26.58 6.18 -12.10
C VAL A 76 27.01 4.72 -12.06
N ASP A 77 28.32 4.48 -11.95
CA ASP A 77 28.88 3.14 -11.93
C ASP A 77 28.62 2.40 -10.60
N THR A 78 27.90 1.25 -10.69
CA THR A 78 27.54 0.43 -9.53
C THR A 78 28.36 -0.87 -9.43
N THR A 79 29.40 -1.04 -10.29
CA THR A 79 30.26 -2.23 -10.29
C THR A 79 31.05 -2.33 -8.98
N GLY A 80 30.94 -3.47 -8.30
CA GLY A 80 31.58 -3.73 -7.03
C GLY A 80 30.62 -3.60 -5.86
N GLN A 81 29.50 -2.86 -6.06
CA GLN A 81 28.47 -2.66 -5.05
C GLN A 81 27.50 -3.85 -5.09
N SER A 82 27.40 -4.58 -3.97
CA SER A 82 26.55 -5.77 -3.83
C SER A 82 26.23 -6.05 -2.36
N ASN A 83 25.03 -6.57 -2.10
CA ASN A 83 24.52 -6.98 -0.77
C ASN A 83 24.69 -5.88 0.31
N GLU A 84 24.59 -4.59 -0.11
CA GLU A 84 24.77 -3.40 0.73
C GLU A 84 23.64 -2.41 0.51
N THR A 85 23.33 -1.63 1.56
CA THR A 85 22.42 -0.50 1.49
C THR A 85 23.36 0.71 1.53
N MET A 86 23.35 1.49 0.45
CA MET A 86 24.23 2.66 0.32
C MET A 86 23.37 3.91 0.11
N LEU A 87 24.02 5.07 0.14
CA LEU A 87 23.37 6.35 -0.14
C LEU A 87 23.93 6.91 -1.42
N LEU A 88 23.06 7.18 -2.41
CA LEU A 88 23.50 7.84 -3.64
C LEU A 88 23.56 9.33 -3.25
N CYS A 89 24.75 9.92 -3.33
CA CYS A 89 25.01 11.30 -2.93
C CYS A 89 25.55 12.17 -4.04
N LEU A 90 25.17 13.46 -3.99
CA LEU A 90 25.70 14.51 -4.85
C LEU A 90 26.71 15.25 -3.94
N THR A 91 27.99 15.25 -4.31
CA THR A 91 29.09 15.79 -3.52
C THR A 91 29.87 16.91 -4.19
N ILE A 92 30.25 17.94 -3.41
CA ILE A 92 31.17 18.98 -3.85
C ILE A 92 32.50 18.73 -3.13
N ASP A 93 33.60 18.73 -3.89
CA ASP A 93 34.94 18.50 -3.36
C ASP A 93 35.84 19.62 -3.90
N LEU A 94 36.03 20.67 -3.09
CA LEU A 94 36.83 21.83 -3.48
C LEU A 94 38.35 21.56 -3.53
N ASN A 95 38.81 20.35 -3.14
CA ASN A 95 40.22 19.96 -3.25
C ASN A 95 40.50 19.57 -4.70
N GLN A 96 39.44 19.19 -5.46
CA GLN A 96 39.56 18.81 -6.87
C GLN A 96 39.76 20.05 -7.75
N VAL A 97 40.21 19.83 -9.00
CA VAL A 97 40.43 20.92 -9.94
C VAL A 97 39.49 20.77 -11.13
N ASN A 98 38.73 21.82 -11.42
CA ASN A 98 37.84 21.84 -12.58
C ASN A 98 38.71 22.12 -13.81
N VAL A 99 38.65 21.25 -14.83
CA VAL A 99 39.50 21.37 -16.01
C VAL A 99 38.77 21.98 -17.21
N PRO A 100 39.07 23.27 -17.52
CA PRO A 100 38.48 23.89 -18.72
C PRO A 100 39.23 23.50 -19.97
N SER A 101 38.55 23.49 -21.10
CA SER A 101 39.09 23.18 -22.43
C SER A 101 38.44 24.16 -23.41
N GLY A 102 39.02 24.28 -24.61
CA GLY A 102 38.51 25.18 -25.64
C GLY A 102 38.65 26.64 -25.29
N THR A 103 37.92 27.53 -25.95
CA THR A 103 38.09 28.95 -25.67
C THR A 103 36.84 29.73 -25.96
N VAL A 104 36.70 30.86 -25.27
CA VAL A 104 35.68 31.89 -25.50
C VAL A 104 36.34 32.66 -26.67
N GLY A 105 35.58 32.94 -27.71
CA GLY A 105 36.11 33.53 -28.94
C GLY A 105 35.78 32.56 -30.06
N THR A 106 36.07 31.27 -29.81
CA THR A 106 35.60 30.16 -30.62
C THR A 106 34.38 29.75 -29.78
N ASN A 107 33.50 28.92 -30.29
CA ASN A 107 32.39 28.58 -29.40
C ASN A 107 32.62 27.16 -28.88
N THR A 108 33.81 26.97 -28.23
CA THR A 108 34.30 25.67 -27.73
C THR A 108 34.65 25.60 -26.23
N TYR A 109 34.32 26.63 -25.44
CA TYR A 109 34.64 26.58 -24.01
C TYR A 109 33.77 25.52 -23.30
N ALA A 110 34.44 24.61 -22.58
CA ALA A 110 33.79 23.54 -21.84
C ALA A 110 34.61 23.27 -20.58
N VAL A 111 33.96 22.79 -19.50
CA VAL A 111 34.62 22.49 -18.23
C VAL A 111 34.29 21.07 -17.75
N ASP A 112 35.32 20.29 -17.36
CA ASP A 112 35.14 18.99 -16.74
C ASP A 112 35.13 19.30 -15.24
N TYR A 113 33.92 19.30 -14.62
CA TYR A 113 33.74 19.65 -13.21
C TYR A 113 34.09 18.51 -12.24
N LYS A 114 35.41 18.31 -12.01
CA LYS A 114 35.93 17.29 -11.09
C LYS A 114 35.56 17.60 -9.63
N GLN A 115 35.18 18.86 -9.33
CA GLN A 115 34.74 19.27 -8.01
C GLN A 115 33.33 18.75 -7.67
N ILE A 116 32.65 18.12 -8.65
CA ILE A 116 31.29 17.58 -8.47
C ILE A 116 31.29 16.09 -8.79
N ARG A 117 30.73 15.27 -7.90
CA ARG A 117 30.55 13.84 -8.15
C ARG A 117 29.22 13.32 -7.65
N LEU A 118 28.74 12.28 -8.33
CA LEU A 118 27.59 11.46 -7.95
C LEU A 118 28.28 10.18 -7.47
N GLU A 119 28.06 9.80 -6.20
CA GLU A 119 28.77 8.66 -5.61
C GLU A 119 27.95 7.88 -4.57
N PHE A 120 28.42 6.69 -4.20
CA PHE A 120 27.78 5.88 -3.17
C PHE A 120 28.57 6.00 -1.90
N LEU A 121 27.89 6.35 -0.81
CA LEU A 121 28.53 6.49 0.49
C LEU A 121 27.74 5.67 1.49
N ASP A 122 28.43 5.16 2.52
CA ASP A 122 27.71 4.49 3.59
C ASP A 122 27.17 5.61 4.53
N VAL A 123 26.23 5.29 5.41
CA VAL A 123 25.60 6.28 6.30
C VAL A 123 26.64 7.04 7.18
N PRO A 124 27.59 6.39 7.92
CA PRO A 124 28.54 7.20 8.72
C PRO A 124 29.42 8.18 7.94
N THR A 125 29.80 7.83 6.68
CA THR A 125 30.62 8.71 5.83
C THR A 125 29.77 9.92 5.40
N LEU A 126 28.54 9.68 4.96
CA LEU A 126 27.63 10.76 4.58
C LEU A 126 27.45 11.72 5.76
N LEU A 127 27.12 11.19 6.98
CA LEU A 127 26.89 12.00 8.17
C LEU A 127 28.06 12.92 8.55
N LYS A 128 29.32 12.45 8.35
CA LYS A 128 30.53 13.22 8.62
C LYS A 128 30.72 14.40 7.65
N GLN A 129 30.10 14.34 6.46
CA GLN A 129 30.22 15.41 5.47
C GLN A 129 28.84 15.94 4.97
N TYR A 130 27.79 15.72 5.78
CA TYR A 130 26.41 16.10 5.47
C TYR A 130 26.23 17.61 5.57
N TRP A 131 25.69 18.24 4.51
CA TRP A 131 25.46 19.70 4.46
C TRP A 131 24.63 20.23 5.64
N ARG A 132 23.72 19.41 6.20
CA ARG A 132 22.87 19.82 7.31
C ARG A 132 23.64 20.01 8.62
N ASP A 133 24.85 19.46 8.71
CA ASP A 133 25.67 19.52 9.92
C ASP A 133 27.00 20.20 9.73
N HIS A 134 27.46 20.28 8.49
CA HIS A 134 28.78 20.84 8.18
C HIS A 134 28.68 21.75 6.97
N SER A 135 29.61 22.70 6.84
CA SER A 135 29.54 23.66 5.75
C SER A 135 30.89 24.02 5.16
N LEU A 136 30.89 24.25 3.83
CA LEU A 136 32.04 24.74 3.07
C LEU A 136 32.31 26.19 3.52
N HIS A 137 31.26 26.90 3.99
CA HIS A 137 31.30 28.29 4.45
C HIS A 137 31.44 28.43 5.98
N ASP A 138 31.52 27.30 6.72
CA ASP A 138 31.60 27.30 8.20
C ASP A 138 32.72 28.17 8.76
N LEU A 139 32.39 28.89 9.84
CA LEU A 139 33.31 29.80 10.50
C LEU A 139 34.41 29.08 11.27
N ILE A 140 34.02 28.17 12.19
CA ILE A 140 34.94 27.43 13.06
C ILE A 140 35.54 26.18 12.37
N ASP A 141 34.73 25.34 11.72
CA ASP A 141 35.24 24.12 11.06
C ASP A 141 34.94 24.11 9.52
N PRO A 142 35.52 25.03 8.70
CA PRO A 142 35.21 25.03 7.26
C PRO A 142 35.63 23.73 6.59
N ARG A 143 34.77 23.23 5.71
CA ARG A 143 35.02 21.98 5.00
C ARG A 143 35.34 22.26 3.54
N ARG A 144 35.95 21.27 2.87
CA ARG A 144 36.24 21.34 1.45
C ARG A 144 35.39 20.29 0.74
N VAL A 145 34.81 19.33 1.48
CA VAL A 145 33.97 18.33 0.85
C VAL A 145 32.62 18.24 1.64
N ILE A 146 31.51 18.38 0.87
CA ILE A 146 30.15 18.38 1.42
C ILE A 146 29.22 17.56 0.52
N SER A 147 28.27 16.85 1.13
CA SER A 147 27.38 15.98 0.35
C SER A 147 25.90 16.15 0.65
N MET A 148 25.07 15.79 -0.34
CA MET A 148 23.63 15.74 -0.21
C MET A 148 23.13 14.37 -0.65
N PRO A 149 22.48 13.63 0.28
CA PRO A 149 21.98 12.29 -0.08
C PRO A 149 20.66 12.41 -0.87
N LEU A 150 20.56 11.65 -1.96
CA LEU A 150 19.39 11.70 -2.84
C LEU A 150 18.50 10.48 -2.70
N TYR A 151 19.11 9.30 -2.60
CA TYR A 151 18.40 8.02 -2.56
C TYR A 151 19.12 7.04 -1.68
N TRP A 152 18.33 6.17 -1.05
CA TRP A 152 18.80 4.98 -0.35
C TRP A 152 18.85 3.96 -1.50
N ILE A 153 20.00 3.35 -1.73
CA ILE A 153 20.13 2.35 -2.80
C ILE A 153 20.48 1.01 -2.17
N THR A 154 19.59 0.02 -2.33
CA THR A 154 19.87 -1.29 -1.75
C THR A 154 20.25 -2.27 -2.86
N PHE A 155 21.54 -2.65 -2.88
CA PHE A 155 22.08 -3.57 -3.87
C PHE A 155 21.87 -5.01 -3.43
N GLY A 156 21.43 -5.85 -4.37
CA GLY A 156 21.22 -7.26 -4.15
C GLY A 156 22.47 -8.04 -4.52
N GLN A 157 22.28 -9.26 -5.07
CA GLN A 157 23.40 -10.11 -5.51
C GLN A 157 23.91 -9.63 -6.88
N THR A 158 25.21 -9.85 -7.16
CA THR A 158 25.86 -9.45 -8.43
C THR A 158 25.03 -9.96 -9.63
N GLY A 159 24.56 -9.02 -10.46
CA GLY A 159 23.73 -9.32 -11.62
C GLY A 159 22.31 -8.79 -11.54
N THR A 160 21.90 -8.27 -10.36
CA THR A 160 20.55 -7.71 -10.16
C THR A 160 20.52 -6.18 -10.23
N THR A 161 19.34 -5.60 -10.53
CA THR A 161 19.10 -4.16 -10.55
C THR A 161 18.68 -3.77 -9.11
N PRO A 162 19.20 -2.65 -8.54
CA PRO A 162 18.89 -2.34 -7.14
C PRO A 162 17.52 -1.72 -6.84
N LYS A 163 17.11 -1.80 -5.56
CA LYS A 163 15.90 -1.20 -5.02
C LYS A 163 16.29 0.21 -4.53
N TYR A 164 15.36 1.17 -4.65
CA TYR A 164 15.61 2.57 -4.29
C TYR A 164 14.51 3.22 -3.45
N GLU A 165 14.88 4.24 -2.66
CA GLU A 165 13.96 5.03 -1.85
C GLU A 165 14.49 6.48 -1.83
N GLN A 166 13.72 7.40 -2.41
CA GLN A 166 14.06 8.81 -2.51
C GLN A 166 14.14 9.45 -1.11
N ILE A 167 15.17 10.27 -0.89
CA ILE A 167 15.36 11.01 0.35
C ILE A 167 14.71 12.38 0.12
N LYS A 168 13.39 12.43 0.36
CA LYS A 168 12.54 13.58 0.08
C LYS A 168 12.94 14.86 0.82
N SER A 169 13.57 14.75 2.02
CA SER A 169 14.05 15.93 2.78
C SER A 169 15.07 16.76 1.95
N ASN A 170 15.76 16.11 0.98
CA ASN A 170 16.78 16.75 0.14
C ASN A 170 16.27 17.19 -1.25
N TYR A 171 14.95 17.05 -1.48
CA TYR A 171 14.29 17.53 -2.70
C TYR A 171 13.34 18.65 -2.34
N ILE A 172 13.54 19.83 -2.95
CA ILE A 172 12.65 20.98 -2.75
C ILE A 172 11.59 20.79 -3.83
N ASP A 173 10.58 19.99 -3.51
CA ASP A 173 9.53 19.57 -4.42
C ASP A 173 8.42 20.59 -4.56
N GLY A 174 7.63 20.76 -3.51
CA GLY A 174 6.50 21.68 -3.45
C GLY A 174 5.95 21.85 -2.05
N GLY A 175 5.33 22.98 -1.81
CA GLY A 175 4.79 23.33 -0.51
C GLY A 175 5.60 24.44 0.11
N ASN A 176 6.92 24.35 -0.08
CA ASN A 176 7.92 25.30 0.36
C ASN A 176 8.87 25.56 -0.80
N SER A 177 8.72 26.72 -1.43
CA SER A 177 9.52 27.12 -2.58
C SER A 177 10.13 28.51 -2.32
N GLY A 178 9.28 29.45 -1.89
CA GLY A 178 9.71 30.81 -1.55
C GLY A 178 10.21 30.94 -0.12
N ASN A 179 9.92 29.93 0.74
CA ASN A 179 10.38 29.87 2.14
C ASN A 179 10.89 28.44 2.41
N PRO A 180 11.96 27.99 1.71
CA PRO A 180 12.33 26.57 1.77
C PRO A 180 12.74 26.00 3.14
N ALA A 181 13.31 26.79 4.03
CA ALA A 181 13.76 26.28 5.34
C ALA A 181 12.67 26.38 6.43
N TYR A 182 11.51 27.01 6.12
CA TYR A 182 10.42 27.25 7.08
C TYR A 182 9.10 26.68 6.56
N GLY A 183 7.99 27.33 6.93
CA GLY A 183 6.66 26.91 6.50
C GLY A 183 6.11 25.77 7.32
N ILE A 184 5.05 25.15 6.83
CA ILE A 184 4.36 24.08 7.54
C ILE A 184 5.23 22.83 7.69
N ALA A 185 5.25 22.26 8.91
CA ALA A 185 5.94 21.01 9.25
C ALA A 185 4.93 19.87 9.17
N ALA A 186 3.72 20.08 9.72
CA ALA A 186 2.67 19.06 9.75
C ALA A 186 1.30 19.71 9.85
N ARG A 187 0.30 19.07 9.23
CA ARG A 187 -1.09 19.57 9.26
C ARG A 187 -2.01 18.40 8.98
N CYS A 188 -3.26 18.50 9.42
CA CYS A 188 -4.23 17.45 9.18
C CYS A 188 -5.62 18.03 8.95
N GLU A 189 -6.52 17.21 8.41
CA GLU A 189 -7.94 17.57 8.27
C GLU A 189 -8.60 17.28 9.64
N ASN A 190 -9.83 17.76 9.86
CA ASN A 190 -10.57 17.48 11.07
C ASN A 190 -10.81 15.99 11.25
N PHE A 191 -10.63 15.51 12.48
CA PHE A 191 -10.91 14.11 12.79
C PHE A 191 -11.56 14.00 14.16
N ASN A 192 -12.18 12.84 14.40
CA ASN A 192 -12.86 12.49 15.65
C ASN A 192 -12.08 11.37 16.32
N HIS A 193 -11.85 11.49 17.63
CA HIS A 193 -11.06 10.50 18.35
C HIS A 193 -11.59 10.21 19.73
N PHE A 194 -11.88 8.93 19.97
CA PHE A 194 -12.40 8.45 21.26
C PHE A 194 -11.39 8.69 22.38
N ILE A 195 -11.88 9.18 23.52
CA ILE A 195 -11.03 9.41 24.67
C ILE A 195 -11.01 8.14 25.55
N ASN A 196 -9.84 7.49 25.65
CA ASN A 196 -9.68 6.30 26.48
C ASN A 196 -9.88 6.67 27.95
N LYS A 197 -10.34 5.70 28.75
CA LYS A 197 -10.65 5.91 30.17
C LYS A 197 -9.38 5.91 31.01
N VAL A 198 -8.50 6.89 30.78
CA VAL A 198 -7.20 7.01 31.47
C VAL A 198 -6.92 8.46 31.85
N ALA A 199 -5.99 8.68 32.80
CA ALA A 199 -5.61 10.01 33.26
C ALA A 199 -4.86 10.79 32.17
N VAL A 200 -3.92 10.14 31.47
CA VAL A 200 -3.09 10.79 30.46
C VAL A 200 -3.01 9.92 29.20
N GLN A 201 -3.24 10.54 28.03
CA GLN A 201 -3.13 9.83 26.75
C GLN A 201 -2.68 10.75 25.64
N SER A 202 -1.96 10.20 24.67
CA SER A 202 -1.53 10.97 23.52
C SER A 202 -2.67 11.01 22.52
N ILE A 203 -2.78 12.13 21.77
CA ILE A 203 -3.77 12.32 20.72
C ILE A 203 -3.07 11.87 19.42
N PRO A 204 -3.60 10.89 18.67
CA PRO A 204 -2.89 10.42 17.46
C PRO A 204 -2.92 11.44 16.33
N ILE A 205 -1.78 12.06 16.08
CA ILE A 205 -1.61 13.12 15.09
C ILE A 205 -1.04 12.63 13.75
N ASN A 206 -0.73 11.32 13.61
CA ASN A 206 -0.05 10.87 12.41
C ASN A 206 -0.95 10.19 11.35
N GLY A 207 -2.25 10.45 11.40
CA GLY A 207 -3.14 10.00 10.33
C GLY A 207 -4.11 8.86 10.57
N VAL A 208 -4.13 8.32 11.79
CA VAL A 208 -5.05 7.23 12.17
C VAL A 208 -5.68 7.64 13.49
N ALA A 209 -7.01 7.72 13.53
CA ALA A 209 -7.71 8.06 14.77
C ALA A 209 -8.66 6.94 15.17
N ASN A 210 -9.02 6.86 16.45
CA ASN A 210 -9.98 5.87 16.90
C ASN A 210 -11.33 6.54 16.82
N ARG A 211 -11.95 6.47 15.64
CA ARG A 211 -13.18 7.18 15.33
C ARG A 211 -14.47 6.55 15.91
N PRO A 212 -15.23 7.28 16.77
CA PRO A 212 -16.55 6.77 17.22
C PRO A 212 -17.47 6.55 16.01
N VAL A 213 -17.97 5.32 15.81
CA VAL A 213 -18.79 4.98 14.63
C VAL A 213 -20.24 4.53 14.96
N SER A 214 -20.52 4.13 16.21
CA SER A 214 -21.86 3.72 16.65
C SER A 214 -22.02 4.11 18.12
N SER A 215 -23.19 3.83 18.73
CA SER A 215 -23.44 4.14 20.14
C SER A 215 -22.64 3.22 21.07
N THR A 216 -22.01 2.18 20.50
CA THR A 216 -21.22 1.22 21.28
C THR A 216 -19.77 1.04 20.85
N ALA A 217 -19.42 1.46 19.61
CA ALA A 217 -18.10 1.21 19.05
C ALA A 217 -17.41 2.39 18.36
N SER A 218 -16.06 2.34 18.40
CA SER A 218 -15.13 3.24 17.72
C SER A 218 -14.25 2.36 16.86
N GLN A 219 -13.71 2.89 15.75
CA GLN A 219 -12.81 2.11 14.93
C GLN A 219 -11.68 2.96 14.36
N LEU A 220 -10.48 2.33 14.28
CA LEU A 220 -9.29 2.96 13.73
C LEU A 220 -9.57 3.31 12.28
N THR A 221 -9.52 4.62 11.99
CA THR A 221 -9.88 5.17 10.69
C THR A 221 -8.83 6.20 10.27
N ASN A 222 -8.39 6.10 9.01
CA ASN A 222 -7.43 7.05 8.44
C ASN A 222 -8.07 8.41 8.27
N TYR A 223 -7.27 9.46 8.42
CA TYR A 223 -7.67 10.82 8.12
C TYR A 223 -6.50 11.45 7.38
N LYS A 224 -6.75 12.48 6.58
CA LYS A 224 -5.75 13.18 5.80
C LYS A 224 -4.76 13.92 6.68
N VAL A 225 -3.47 13.68 6.42
CA VAL A 225 -2.38 14.29 7.16
C VAL A 225 -1.24 14.53 6.17
N TRP A 226 -0.41 15.53 6.44
CA TRP A 226 0.73 15.84 5.59
C TRP A 226 1.88 16.26 6.47
N ARG A 227 3.07 15.80 6.12
CA ARG A 227 4.30 16.18 6.82
C ARG A 227 5.34 16.66 5.83
N ASN A 228 6.07 17.70 6.18
CA ASN A 228 7.18 18.24 5.41
C ASN A 228 8.39 17.37 5.88
N PRO A 229 8.96 16.48 5.02
CA PRO A 229 10.05 15.58 5.47
C PRO A 229 11.34 16.28 5.87
N TYR A 230 11.53 17.52 5.43
CA TYR A 230 12.67 18.33 5.82
C TYR A 230 12.56 18.74 7.32
N LEU A 231 11.33 18.86 7.86
CA LEU A 231 11.09 19.36 9.21
C LEU A 231 10.69 18.33 10.21
N CYS A 232 9.94 17.33 9.80
CA CYS A 232 9.49 16.30 10.75
C CYS A 232 9.16 15.00 10.06
N SER A 233 9.09 13.93 10.86
CA SER A 233 8.75 12.61 10.35
C SER A 233 7.93 11.87 11.38
N GLN A 234 7.18 10.87 10.92
CA GLN A 234 6.44 10.00 11.82
C GLN A 234 7.50 9.17 12.59
N ASP A 235 7.29 8.95 13.90
CA ASP A 235 8.24 8.18 14.72
C ASP A 235 8.57 6.83 14.06
N PRO A 236 9.88 6.49 13.93
CA PRO A 236 10.25 5.19 13.30
C PRO A 236 9.92 3.93 14.15
N ARG A 237 9.58 4.12 15.44
CA ARG A 237 9.25 3.02 16.36
C ARG A 237 7.75 2.84 16.35
N ASP A 238 7.29 1.62 16.02
CA ASP A 238 5.88 1.27 15.92
C ASP A 238 5.07 1.58 17.18
N LYS A 239 5.68 1.46 18.37
CA LYS A 239 4.97 1.79 19.63
C LYS A 239 4.49 3.26 19.62
N PHE A 240 5.33 4.15 19.09
CA PHE A 240 5.08 5.59 19.09
C PHE A 240 4.59 6.14 17.75
N ALA A 241 4.62 5.34 16.66
CA ALA A 241 4.23 5.79 15.31
C ALA A 241 2.82 6.45 15.22
N PRO A 242 1.73 6.01 15.92
CA PRO A 242 0.47 6.75 15.78
C PRO A 242 0.46 8.15 16.38
N ASP A 243 1.33 8.42 17.36
CA ASP A 243 1.29 9.64 18.16
C ASP A 243 2.43 10.64 18.03
N ASN A 244 3.65 10.17 17.82
CA ASN A 244 4.81 11.06 17.89
C ASN A 244 5.41 11.46 16.57
N LEU A 245 5.80 12.72 16.49
CA LEU A 245 6.57 13.23 15.39
C LEU A 245 8.00 13.24 15.88
N VAL A 246 8.94 13.12 14.95
CA VAL A 246 10.35 13.31 15.20
C VAL A 246 10.67 14.63 14.50
N ILE A 247 11.26 15.58 15.21
CA ILE A 247 11.68 16.87 14.69
C ILE A 247 13.01 16.71 13.97
N GLU A 248 13.10 17.21 12.75
CA GLU A 248 14.32 17.02 11.96
C GLU A 248 15.18 18.24 11.90
N GLU A 249 14.63 19.36 12.36
CA GLU A 249 15.28 20.66 12.25
C GLU A 249 14.98 21.49 13.48
N ASP A 250 16.04 22.02 14.14
CA ASP A 250 15.86 22.90 15.29
C ASP A 250 15.03 24.13 14.89
N GLY A 251 14.33 24.70 15.85
CA GLY A 251 13.68 25.99 15.61
C GLY A 251 12.60 26.36 16.59
N ILE A 252 12.06 27.55 16.37
CA ILE A 252 10.89 27.99 17.08
C ILE A 252 9.75 27.56 16.16
N TYR A 253 8.82 26.78 16.69
CA TYR A 253 7.67 26.30 15.93
C TYR A 253 6.39 26.89 16.52
N ARG A 254 5.39 27.03 15.70
CA ARG A 254 4.07 27.43 16.14
C ARG A 254 3.16 26.19 16.08
N ILE A 255 2.45 25.91 17.16
CA ILE A 255 1.47 24.83 17.22
C ILE A 255 0.06 25.46 17.34
N ASP A 256 -0.84 25.12 16.40
CA ASP A 256 -2.25 25.57 16.42
C ASP A 256 -3.06 24.32 16.66
N ILE A 257 -4.04 24.36 17.57
CA ILE A 257 -4.97 23.23 17.73
C ILE A 257 -6.38 23.82 17.82
N SER A 258 -7.37 23.04 17.40
CA SER A 258 -8.78 23.41 17.52
C SER A 258 -9.60 22.13 17.47
N GLY A 259 -10.77 22.19 18.04
CA GLY A 259 -11.68 21.06 18.07
C GLY A 259 -12.65 21.24 19.20
N SER A 260 -13.29 20.15 19.59
CA SER A 260 -14.23 20.20 20.68
C SER A 260 -14.20 18.90 21.44
N ILE A 261 -14.67 18.95 22.68
CA ILE A 261 -14.86 17.78 23.52
C ILE A 261 -16.37 17.49 23.45
N ASN A 262 -16.75 16.38 22.83
CA ASN A 262 -18.14 15.98 22.67
C ASN A 262 -18.51 14.92 23.72
N ILE A 263 -19.77 14.96 24.22
CA ILE A 263 -20.30 14.07 25.27
C ILE A 263 -19.45 14.27 26.54
N ALA A 264 -19.11 15.53 26.82
CA ALA A 264 -18.31 15.93 27.97
C ALA A 264 -19.06 15.59 29.26
N ASN A 265 -18.35 15.02 30.23
CA ASN A 265 -18.92 14.65 31.51
C ASN A 265 -18.92 15.83 32.48
N TYR A 266 -19.87 15.83 33.42
CA TYR A 266 -20.07 16.85 34.45
C TYR A 266 -21.03 16.32 35.53
N THR A 267 -20.94 16.87 36.73
CA THR A 267 -21.83 16.48 37.83
C THR A 267 -23.16 17.19 37.62
N PHE A 268 -24.22 16.37 37.44
CA PHE A 268 -25.58 16.83 37.22
C PHE A 268 -26.11 17.71 38.35
N PRO A 269 -26.76 18.84 37.99
CA PRO A 269 -27.37 19.69 39.01
C PRO A 269 -28.48 18.93 39.73
N ALA A 270 -28.28 18.68 41.03
CA ALA A 270 -29.21 17.97 41.91
C ALA A 270 -29.49 18.85 43.15
N SER A 271 -30.48 18.48 43.98
CA SER A 271 -30.81 19.25 45.19
C SER A 271 -29.66 19.34 46.20
N GLY A 272 -28.83 18.29 46.27
CA GLY A 272 -27.68 18.19 47.14
C GLY A 272 -26.56 19.19 46.86
N ASN A 273 -26.34 19.54 45.58
CA ASN A 273 -25.31 20.50 45.16
C ASN A 273 -25.88 21.89 44.82
N SER A 274 -27.14 22.16 45.27
CA SER A 274 -27.90 23.40 45.07
C SER A 274 -28.18 23.70 43.58
N TRP A 275 -28.63 22.66 42.85
CA TRP A 275 -28.96 22.64 41.42
C TRP A 275 -27.91 23.38 40.57
N ARG A 276 -26.64 22.94 40.72
CA ARG A 276 -25.48 23.50 40.04
C ARG A 276 -24.65 22.46 39.29
N VAL A 277 -24.15 22.83 38.11
CA VAL A 277 -23.28 21.98 37.29
C VAL A 277 -21.92 21.88 37.99
N GLY A 278 -21.45 20.65 38.19
CA GLY A 278 -20.13 20.39 38.75
C GLY A 278 -19.21 20.10 37.58
N GLY A 279 -18.40 21.10 37.23
CA GLY A 279 -17.45 20.99 36.12
C GLY A 279 -16.33 20.02 36.39
N ARG A 280 -15.74 19.47 35.32
CA ARG A 280 -14.65 18.51 35.43
C ARG A 280 -13.43 19.06 34.70
N TYR A 281 -12.30 19.13 35.40
CA TYR A 281 -11.07 19.68 34.83
C TYR A 281 -10.42 18.77 33.78
N PHE A 282 -9.96 19.38 32.68
CA PHE A 282 -9.20 18.66 31.68
C PHE A 282 -8.16 19.62 31.14
N GLN A 283 -7.10 19.08 30.53
CA GLN A 283 -6.13 19.91 29.85
C GLN A 283 -5.55 19.20 28.65
N ILE A 284 -5.24 20.00 27.63
CA ILE A 284 -4.58 19.54 26.42
C ILE A 284 -3.22 20.17 26.47
N VAL A 285 -2.21 19.33 26.40
CA VAL A 285 -0.83 19.79 26.48
C VAL A 285 -0.03 19.40 25.24
N CYS A 286 0.99 20.22 24.88
CA CYS A 286 1.92 19.75 23.85
C CYS A 286 3.16 19.34 24.63
N ALA A 287 3.92 18.40 24.09
CA ALA A 287 5.07 17.87 24.81
C ALA A 287 6.24 17.60 23.90
N ARG A 288 7.45 17.70 24.45
CA ARG A 288 8.68 17.34 23.77
C ARG A 288 9.46 16.39 24.66
N ASN A 289 10.21 15.48 24.05
CA ASN A 289 11.01 14.51 24.78
C ASN A 289 12.23 14.19 23.93
N SER A 290 13.43 14.31 24.52
CA SER A 290 14.68 14.02 23.81
C SER A 290 15.48 12.88 24.48
N SER A 291 14.82 12.05 25.33
CA SER A 291 15.53 10.95 26.00
C SER A 291 16.14 9.94 25.01
N ALA A 292 15.41 9.61 23.93
CA ALA A 292 15.93 8.70 22.90
C ALA A 292 16.77 9.45 21.85
N ASN A 293 18.05 9.05 21.72
CA ASN A 293 18.93 9.64 20.72
C ASN A 293 18.71 8.92 19.38
N ASN A 294 19.22 9.50 18.29
CA ASN A 294 19.26 8.95 16.93
C ASN A 294 17.89 8.64 16.29
N LEU A 295 16.85 9.39 16.66
CA LEU A 295 15.54 9.21 16.03
C LEU A 295 15.48 9.98 14.71
N ALA A 296 16.32 11.02 14.54
CA ALA A 296 16.34 11.86 13.32
C ALA A 296 16.78 11.03 12.11
N GLU A 297 16.48 11.52 10.91
CA GLU A 297 16.83 10.88 9.64
C GLU A 297 18.31 10.46 9.62
N PHE A 298 18.57 9.22 9.12
CA PHE A 298 19.88 8.55 9.04
C PHE A 298 20.44 8.15 10.42
N GLY A 299 19.62 8.27 11.47
CA GLY A 299 20.06 8.01 12.84
C GLY A 299 21.05 9.06 13.31
N ALA A 300 20.97 10.29 12.75
CA ALA A 300 21.85 11.42 13.08
C ALA A 300 21.75 11.74 14.57
N GLU A 301 22.85 12.27 15.12
CA GLU A 301 22.92 12.70 16.52
C GLU A 301 21.91 13.81 16.75
N GLN A 302 21.16 13.70 17.84
CA GLN A 302 20.19 14.73 18.18
C GLN A 302 20.94 16.02 18.58
N HIS A 303 20.27 17.17 18.44
CA HIS A 303 20.85 18.45 18.86
C HIS A 303 20.43 18.64 20.29
N LEU A 304 21.41 18.77 21.18
CA LEU A 304 21.11 18.92 22.60
C LEU A 304 20.48 20.28 22.93
N PRO A 305 19.36 20.28 23.67
CA PRO A 305 18.69 21.53 24.01
C PRO A 305 19.42 22.30 25.14
N PRO A 306 19.16 23.61 25.32
CA PRO A 306 19.81 24.33 26.43
C PRO A 306 19.30 23.82 27.79
N SER A 307 20.11 23.98 28.84
CA SER A 307 19.76 23.56 30.19
C SER A 307 18.47 24.29 30.63
N GLY A 308 17.55 23.55 31.24
CA GLY A 308 16.28 24.08 31.69
C GLY A 308 15.15 24.09 30.66
N VAL A 309 15.37 23.45 29.48
CA VAL A 309 14.39 23.38 28.38
C VAL A 309 13.02 22.84 28.86
N TRP A 310 11.92 23.40 28.34
CA TRP A 310 10.57 22.90 28.66
C TRP A 310 10.39 21.44 28.15
N THR A 311 9.41 20.72 28.69
CA THR A 311 9.02 19.37 28.26
C THR A 311 7.51 19.25 28.04
N ARG A 312 6.72 20.05 28.79
N ARG A 312 6.70 20.00 28.82
CA ARG A 312 5.26 20.03 28.69
CA ARG A 312 5.23 20.00 28.73
C ARG A 312 4.73 21.46 28.76
C ARG A 312 4.71 21.43 28.76
N ARG A 313 3.74 21.75 27.91
CA ARG A 313 3.13 23.07 27.87
C ARG A 313 1.62 22.95 27.74
N VAL A 314 0.89 23.56 28.67
CA VAL A 314 -0.57 23.57 28.65
C VAL A 314 -1.05 24.46 27.52
N LEU A 315 -1.83 23.89 26.60
CA LEU A 315 -2.44 24.62 25.48
C LEU A 315 -3.87 25.05 25.86
N VAL A 316 -4.63 24.17 26.50
CA VAL A 316 -6.01 24.40 26.94
C VAL A 316 -6.12 23.79 28.33
N GLY A 317 -6.59 24.57 29.29
CA GLY A 317 -6.78 24.11 30.66
C GLY A 317 -8.04 24.76 31.22
N GLU A 318 -9.11 23.96 31.40
CA GLU A 318 -10.39 24.46 31.93
C GLU A 318 -11.31 23.31 32.40
N TYR A 319 -12.52 23.67 32.82
CA TYR A 319 -13.50 22.68 33.27
C TYR A 319 -14.55 22.47 32.20
N THR A 320 -15.18 21.28 32.20
CA THR A 320 -16.34 21.03 31.35
C THR A 320 -17.44 21.99 31.86
N ALA A 321 -18.28 22.49 30.96
CA ALA A 321 -19.24 23.53 31.35
C ALA A 321 -20.71 23.09 31.45
N GLY A 322 -20.98 21.81 31.38
CA GLY A 322 -22.35 21.35 31.50
C GLY A 322 -23.10 21.26 30.19
N MET A 323 -22.38 21.41 29.08
CA MET A 323 -22.91 21.32 27.72
C MET A 323 -22.49 19.99 27.11
N THR A 324 -23.26 19.51 26.12
CA THR A 324 -22.98 18.26 25.42
C THR A 324 -21.62 18.38 24.69
N GLU A 325 -21.35 19.54 24.07
CA GLU A 325 -20.13 19.78 23.32
C GLU A 325 -19.60 21.18 23.55
N GLN A 326 -18.30 21.26 23.80
CA GLN A 326 -17.58 22.47 24.16
C GLN A 326 -16.34 22.58 23.26
N ALA A 327 -16.23 23.68 22.48
CA ALA A 327 -15.10 23.94 21.57
C ALA A 327 -13.90 24.54 22.31
N PHE A 328 -12.70 24.39 21.70
CA PHE A 328 -11.46 24.96 22.22
C PHE A 328 -10.57 25.28 21.04
N SER A 329 -9.60 26.15 21.28
CA SER A 329 -8.62 26.58 20.30
C SER A 329 -7.40 27.07 21.09
N SER A 330 -6.20 26.93 20.52
CA SER A 330 -4.98 27.39 21.15
C SER A 330 -3.91 27.51 20.12
N VAL A 331 -3.03 28.51 20.32
CA VAL A 331 -1.89 28.77 19.45
C VAL A 331 -0.71 29.06 20.41
N ALA A 332 0.41 28.37 20.23
CA ALA A 332 1.61 28.65 21.04
C ALA A 332 2.86 28.55 20.18
N THR A 333 3.91 29.28 20.56
CA THR A 333 5.22 29.12 19.92
C THR A 333 6.06 28.36 20.94
N ILE A 334 6.82 27.38 20.45
CA ILE A 334 7.61 26.46 21.29
C ILE A 334 8.94 26.19 20.64
N SER A 335 9.96 25.90 21.44
CA SER A 335 11.26 25.52 20.87
C SER A 335 11.25 23.99 20.68
N LEU A 336 11.83 23.52 19.57
CA LEU A 336 11.96 22.09 19.24
C LEU A 336 13.34 21.87 18.65
N PHE A 337 13.92 20.69 18.92
CA PHE A 337 15.29 20.37 18.48
C PHE A 337 15.32 19.11 17.63
N LYS A 338 16.25 19.06 16.66
CA LYS A 338 16.53 17.89 15.80
C LYS A 338 16.67 16.67 16.73
N GLY A 339 15.85 15.65 16.48
CA GLY A 339 15.88 14.42 17.26
C GLY A 339 14.79 14.32 18.31
N ASP A 340 14.13 15.45 18.65
CA ASP A 340 13.07 15.44 19.68
C ASP A 340 11.88 14.69 19.18
N ASN A 341 11.12 14.11 20.12
CA ASN A 341 9.78 13.64 19.87
C ASN A 341 8.88 14.82 20.23
N PHE A 342 7.83 15.01 19.46
CA PHE A 342 6.81 16.03 19.73
C PHE A 342 5.48 15.31 19.71
N PHE A 343 4.62 15.60 20.68
CA PHE A 343 3.30 14.97 20.74
C PHE A 343 2.29 15.82 21.54
N LEU A 344 1.02 15.46 21.43
CA LEU A 344 -0.07 16.13 22.12
C LEU A 344 -0.74 15.17 23.09
N GLN A 345 -1.08 15.66 24.27
CA GLN A 345 -1.74 14.82 25.27
C GLN A 345 -3.03 15.42 25.83
N PHE A 346 -3.99 14.54 26.14
CA PHE A 346 -5.26 14.88 26.77
C PHE A 346 -5.18 14.34 28.20
N GLU A 347 -5.44 15.22 29.18
CA GLU A 347 -5.34 14.93 30.62
C GLU A 347 -6.59 15.26 31.37
N THR A 348 -7.00 14.36 32.26
CA THR A 348 -8.18 14.54 33.13
C THR A 348 -8.14 13.54 34.30
N GLY A 349 -9.09 13.68 35.22
CA GLY A 349 -9.25 12.77 36.36
C GLY A 349 -9.83 11.44 35.90
N THR A 350 -9.73 10.40 36.75
CA THR A 350 -10.21 9.05 36.40
C THR A 350 -11.49 8.61 37.15
N ASN A 351 -12.00 9.45 38.05
CA ASN A 351 -13.24 9.12 38.76
C ASN A 351 -14.40 9.79 38.02
N THR A 352 -15.15 9.03 37.22
CA THR A 352 -16.26 9.54 36.40
C THR A 352 -17.44 10.10 37.19
N SER A 353 -17.52 9.83 38.50
CA SER A 353 -18.60 10.38 39.32
C SER A 353 -18.13 11.62 40.11
N ARG A 354 -16.84 12.02 39.96
CA ARG A 354 -16.31 13.15 40.71
C ARG A 354 -15.41 14.13 39.92
N ASP A 355 -14.35 13.64 39.26
CA ASP A 355 -13.37 14.55 38.64
C ASP A 355 -13.04 14.34 37.16
N SER A 356 -13.62 13.33 36.51
CA SER A 356 -13.31 13.04 35.12
C SER A 356 -14.12 13.82 34.10
N ALA A 357 -13.45 14.34 33.03
CA ALA A 357 -14.12 15.00 31.92
C ALA A 357 -14.75 13.93 31.02
N TYR A 358 -14.33 12.64 31.16
CA TYR A 358 -14.93 11.57 30.37
C TYR A 358 -16.02 10.81 31.18
N ASN A 359 -16.98 10.23 30.45
CA ASN A 359 -18.10 9.49 31.02
C ASN A 359 -17.83 7.97 30.97
N ASN A 360 -18.89 7.15 31.10
CA ASN A 360 -18.78 5.69 31.09
C ASN A 360 -19.22 5.05 29.76
N GLY A 361 -19.52 5.87 28.76
CA GLY A 361 -19.97 5.39 27.46
C GLY A 361 -18.85 5.03 26.50
N TYR A 362 -19.21 4.37 25.39
CA TYR A 362 -18.31 3.94 24.33
C TYR A 362 -18.84 4.38 22.98
N GLY A 363 -17.97 4.47 21.98
CA GLY A 363 -18.35 4.99 20.66
C GLY A 363 -18.90 6.40 20.76
N THR A 364 -19.98 6.71 20.02
CA THR A 364 -20.63 8.03 20.01
C THR A 364 -21.33 8.37 21.36
N SER A 365 -21.53 7.38 22.25
CA SER A 365 -22.13 7.59 23.58
C SER A 365 -21.08 7.96 24.64
N GLY A 366 -19.81 7.81 24.26
CA GLY A 366 -18.69 8.13 25.14
C GLY A 366 -18.01 9.44 24.77
N THR A 367 -17.35 10.05 25.75
CA THR A 367 -16.63 11.31 25.57
C THR A 367 -15.55 11.14 24.49
N HIS A 368 -15.50 12.09 23.55
CA HIS A 368 -14.54 12.04 22.45
C HIS A 368 -14.18 13.42 21.95
N LEU A 369 -13.04 13.52 21.25
CA LEU A 369 -12.64 14.74 20.58
C LEU A 369 -13.35 14.72 19.22
N ARG A 370 -13.93 15.86 18.85
CA ARG A 370 -14.66 15.98 17.58
C ARG A 370 -14.07 17.17 16.82
N ASN A 371 -13.98 17.07 15.49
CA ASN A 371 -13.45 18.14 14.61
C ASN A 371 -12.08 18.62 15.05
N PHE A 372 -11.24 17.70 15.49
CA PHE A 372 -9.91 18.03 15.96
C PHE A 372 -8.97 18.16 14.79
N SER A 373 -8.13 19.20 14.80
CA SER A 373 -7.09 19.38 13.80
C SER A 373 -5.97 20.24 14.38
N TYR A 374 -4.81 20.20 13.73
CA TYR A 374 -3.66 20.95 14.16
C TYR A 374 -2.82 21.36 12.94
N THR A 375 -1.96 22.34 13.15
CA THR A 375 -0.92 22.78 12.24
C THR A 375 0.32 23.03 13.09
N LEU A 376 1.45 22.47 12.65
CA LEU A 376 2.76 22.71 13.21
C LEU A 376 3.55 23.43 12.14
N GLU A 377 4.16 24.58 12.48
CA GLU A 377 4.87 25.37 11.49
C GLU A 377 6.19 25.88 12.06
N ARG A 378 7.28 25.83 11.27
CA ARG A 378 8.57 26.38 11.71
C ARG A 378 8.54 27.89 11.46
N VAL A 379 8.75 28.71 12.50
CA VAL A 379 8.62 30.18 12.40
C VAL A 379 9.91 30.92 12.76
N GLY A 380 10.88 30.23 13.34
CA GLY A 380 12.14 30.86 13.72
C GLY A 380 13.27 29.88 13.85
N ASP A 381 14.51 30.36 13.82
CA ASP A 381 15.67 29.50 13.98
C ASP A 381 16.21 29.61 15.41
N LEU A 382 17.13 28.74 15.79
CA LEU A 382 17.76 28.74 17.12
C LEU A 382 19.29 28.92 17.03
N ASN A 383 19.77 29.60 16.00
CA ASN A 383 21.20 29.86 15.81
C ASN A 383 21.68 30.96 16.78
N GLY A 384 22.99 30.98 17.04
CA GLY A 384 23.64 31.98 17.89
C GLY A 384 23.03 32.11 19.27
N THR A 385 22.80 33.35 19.70
CA THR A 385 22.29 33.70 21.03
C THR A 385 20.84 33.22 21.28
N ALA A 386 20.04 33.06 20.21
CA ALA A 386 18.63 32.59 20.31
C ALA A 386 18.55 31.21 20.96
N TYR A 387 19.60 30.37 20.77
CA TYR A 387 19.68 29.04 21.39
C TYR A 387 19.44 29.11 22.91
N TYR A 388 20.13 30.03 23.61
CA TYR A 388 19.97 30.20 25.06
C TYR A 388 18.81 31.10 25.45
N ASP A 389 18.59 32.21 24.72
CA ASP A 389 17.54 33.20 25.04
C ASP A 389 16.11 32.76 24.70
N ASN A 390 15.94 32.02 23.60
CA ASN A 390 14.64 31.60 23.06
C ASN A 390 14.44 30.06 23.13
N GLY A 391 15.53 29.29 23.24
CA GLY A 391 15.51 27.83 23.18
C GLY A 391 14.98 27.02 24.34
N THR A 392 14.85 27.64 25.53
CA THR A 392 14.38 26.94 26.74
C THR A 392 12.87 26.82 26.83
N PHE A 393 12.11 27.55 26.00
CA PHE A 393 10.63 27.50 26.01
C PHE A 393 10.08 27.58 24.59
N VAL B 2 -38.55 -43.20 -26.04
CA VAL B 2 -37.79 -44.45 -26.20
C VAL B 2 -36.33 -44.32 -25.75
N LEU B 3 -35.65 -45.49 -25.65
CA LEU B 3 -34.24 -45.61 -25.29
C LEU B 3 -33.41 -45.45 -26.56
N LYS B 4 -32.65 -44.36 -26.62
CA LYS B 4 -31.82 -44.01 -27.77
C LYS B 4 -30.33 -44.16 -27.42
N GLY B 5 -29.60 -44.84 -28.29
CA GLY B 5 -28.15 -44.98 -28.19
C GLY B 5 -27.50 -43.85 -28.95
N ILE B 6 -26.40 -43.30 -28.44
CA ILE B 6 -25.74 -42.15 -29.07
C ILE B 6 -24.50 -42.58 -29.84
N ASN B 7 -23.82 -43.58 -29.31
CA ASN B 7 -22.52 -44.11 -29.68
C ASN B 7 -22.55 -45.54 -30.21
N PHE B 8 -23.74 -46.08 -30.51
CA PHE B 8 -23.91 -47.48 -30.89
C PHE B 8 -23.64 -47.74 -32.40
N ASP B 9 -23.54 -49.02 -32.79
CA ASP B 9 -23.21 -49.44 -34.17
C ASP B 9 -24.06 -48.76 -35.27
N ARG B 10 -25.39 -48.61 -35.06
CA ARG B 10 -26.32 -47.97 -36.02
C ARG B 10 -26.55 -46.47 -35.77
N SER B 11 -25.89 -45.90 -34.76
CA SER B 11 -26.04 -44.48 -34.43
C SER B 11 -25.26 -43.62 -35.43
N ILE B 12 -25.70 -42.37 -35.63
CA ILE B 12 -24.98 -41.37 -36.43
C ILE B 12 -24.46 -40.33 -35.43
N VAL B 13 -23.13 -40.21 -35.29
CA VAL B 13 -22.53 -39.24 -34.35
C VAL B 13 -22.59 -37.85 -34.99
N THR B 14 -23.28 -36.92 -34.30
CA THR B 14 -23.55 -35.54 -34.75
C THR B 14 -22.55 -34.47 -34.24
N PRO B 15 -22.51 -33.24 -34.85
CA PRO B 15 -21.62 -32.17 -34.32
C PRO B 15 -21.91 -31.86 -32.85
N GLU B 16 -23.21 -31.77 -32.45
CA GLU B 16 -23.62 -31.51 -31.06
C GLU B 16 -23.13 -32.64 -30.14
N ASN B 17 -23.11 -33.89 -30.65
CA ASN B 17 -22.61 -35.06 -29.92
C ASN B 17 -21.12 -34.95 -29.62
N GLU B 18 -20.26 -34.74 -30.64
CA GLU B 18 -18.81 -34.63 -30.42
C GLU B 18 -18.43 -33.39 -29.57
N ALA B 19 -19.24 -32.30 -29.63
CA ALA B 19 -19.07 -31.07 -28.85
C ALA B 19 -19.42 -31.36 -27.39
N SER B 20 -20.49 -32.13 -27.15
CA SER B 20 -20.85 -32.56 -25.80
C SER B 20 -19.73 -33.41 -25.19
N ILE B 21 -19.07 -34.26 -26.02
CA ILE B 21 -17.95 -35.12 -25.56
C ILE B 21 -16.72 -34.28 -25.20
N LEU B 22 -16.29 -33.35 -26.09
CA LEU B 22 -15.14 -32.46 -25.85
C LEU B 22 -15.34 -31.57 -24.59
N ASP B 23 -16.58 -31.08 -24.39
CA ASP B 23 -16.91 -30.25 -23.23
C ASP B 23 -16.72 -31.05 -21.95
N LEU B 24 -17.13 -32.34 -21.97
CA LEU B 24 -16.94 -33.25 -20.85
C LEU B 24 -15.44 -33.42 -20.58
N ALA B 25 -14.65 -33.60 -21.64
CA ALA B 25 -13.19 -33.75 -21.58
C ALA B 25 -12.49 -32.49 -21.06
N MET B 26 -13.14 -31.30 -21.21
CA MET B 26 -12.67 -29.98 -20.74
C MET B 26 -13.18 -29.67 -19.32
N GLN B 27 -13.84 -30.65 -18.66
CA GLN B 27 -14.46 -30.53 -17.32
C GLN B 27 -15.50 -29.38 -17.33
N ASN B 28 -16.21 -29.20 -18.48
CA ASN B 28 -17.20 -28.15 -18.72
C ASN B 28 -16.65 -26.72 -18.64
N ARG B 29 -15.34 -26.54 -18.85
CA ARG B 29 -14.73 -25.22 -18.89
C ARG B 29 -14.56 -24.85 -20.36
N SER B 30 -14.77 -23.58 -20.67
CA SER B 30 -14.53 -23.05 -22.00
C SER B 30 -13.35 -22.12 -21.89
N GLY B 31 -12.64 -21.91 -22.97
CA GLY B 31 -11.52 -21.01 -22.97
C GLY B 31 -10.55 -21.18 -24.11
N VAL B 32 -9.64 -20.21 -24.24
CA VAL B 32 -8.59 -20.20 -25.26
C VAL B 32 -7.52 -21.19 -24.81
N LEU B 33 -7.24 -22.21 -25.65
CA LEU B 33 -6.23 -23.24 -25.36
C LEU B 33 -4.82 -22.75 -25.72
N ASP B 34 -4.68 -21.93 -26.75
CA ASP B 34 -3.42 -21.33 -27.18
C ASP B 34 -3.68 -20.13 -28.05
N GLY B 35 -2.71 -19.22 -28.09
CA GLY B 35 -2.75 -18.00 -28.90
C GLY B 35 -3.93 -17.08 -28.62
N MET B 36 -4.50 -16.50 -29.69
CA MET B 36 -5.64 -15.56 -29.68
C MET B 36 -5.38 -14.32 -28.81
N THR B 37 -4.10 -13.89 -28.73
CA THR B 37 -3.72 -12.68 -28.01
C THR B 37 -3.72 -11.54 -28.99
N ILE B 38 -3.86 -10.31 -28.48
CA ILE B 38 -3.91 -9.10 -29.27
C ILE B 38 -2.60 -8.86 -30.05
N ASP B 39 -2.71 -8.45 -31.31
CA ASP B 39 -1.60 -8.14 -32.20
C ASP B 39 -1.63 -6.63 -32.38
N ILE B 40 -0.88 -5.88 -31.54
CA ILE B 40 -0.88 -4.41 -31.54
C ILE B 40 -0.20 -3.83 -32.82
N LEU B 41 0.78 -4.55 -33.42
CA LEU B 41 1.47 -4.09 -34.63
C LEU B 41 0.50 -3.96 -35.82
N ASN B 42 -0.47 -4.89 -35.92
CA ASN B 42 -1.47 -4.90 -36.98
C ASN B 42 -2.81 -4.24 -36.55
N THR B 43 -2.83 -3.58 -35.38
CA THR B 43 -4.00 -2.88 -34.85
C THR B 43 -3.92 -1.38 -35.19
N THR B 44 -4.98 -0.86 -35.82
CA THR B 44 -5.10 0.54 -36.23
C THR B 44 -6.27 1.21 -35.47
N SER B 45 -6.81 2.32 -36.02
CA SER B 45 -7.93 3.07 -35.44
C SER B 45 -9.27 2.61 -36.03
N ASN B 46 -9.23 1.66 -36.99
CA ASN B 46 -10.38 1.09 -37.69
C ASN B 46 -10.44 -0.43 -37.55
N GLN B 47 -9.27 -1.06 -37.28
CA GLN B 47 -9.16 -2.52 -37.12
C GLN B 47 -8.39 -2.94 -35.87
N LEU B 48 -8.77 -4.11 -35.31
CA LEU B 48 -8.13 -4.73 -34.16
C LEU B 48 -7.68 -6.12 -34.57
N ALA B 49 -6.38 -6.39 -34.47
CA ALA B 49 -5.83 -7.67 -34.88
C ALA B 49 -5.57 -8.61 -33.71
N LEU B 50 -5.75 -9.90 -33.96
CA LEU B 50 -5.53 -10.99 -33.02
C LEU B 50 -4.67 -12.04 -33.68
N PHE B 51 -3.79 -12.69 -32.90
CA PHE B 51 -2.91 -13.74 -33.40
C PHE B 51 -3.67 -15.06 -33.51
N HIS B 52 -3.11 -16.00 -34.30
CA HIS B 52 -3.64 -17.35 -34.53
C HIS B 52 -3.76 -18.08 -33.20
N GLY B 53 -4.73 -18.98 -33.12
CA GLY B 53 -4.93 -19.75 -31.91
C GLY B 53 -6.08 -20.71 -31.96
N THR B 54 -6.30 -21.40 -30.85
CA THR B 54 -7.35 -22.40 -30.68
C THR B 54 -8.11 -22.14 -29.38
N ALA B 55 -9.44 -22.25 -29.43
CA ALA B 55 -10.31 -22.10 -28.27
C ALA B 55 -11.37 -23.19 -28.29
N VAL B 56 -11.93 -23.49 -27.12
CA VAL B 56 -13.03 -24.44 -26.99
C VAL B 56 -14.14 -23.69 -26.27
N LEU B 57 -15.30 -23.61 -26.90
CA LEU B 57 -16.46 -22.93 -26.34
C LEU B 57 -17.59 -23.94 -26.25
N GLN B 58 -17.82 -24.44 -25.01
CA GLN B 58 -18.83 -25.45 -24.67
C GLN B 58 -18.74 -26.67 -25.63
N GLY B 59 -17.51 -27.14 -25.82
CA GLY B 59 -17.22 -28.30 -26.64
C GLY B 59 -16.99 -28.04 -28.11
N TYR B 60 -17.24 -26.82 -28.58
CA TYR B 60 -17.01 -26.49 -29.97
C TYR B 60 -15.62 -25.92 -30.13
N GLY B 61 -14.83 -26.54 -31.00
CA GLY B 61 -13.47 -26.13 -31.31
C GLY B 61 -13.47 -24.97 -32.29
N ILE B 62 -12.80 -23.88 -31.92
CA ILE B 62 -12.68 -22.66 -32.74
C ILE B 62 -11.21 -22.41 -32.98
N GLU B 63 -10.87 -22.07 -34.22
CA GLU B 63 -9.52 -21.82 -34.63
C GLU B 63 -9.40 -20.51 -35.41
N ILE B 64 -8.33 -19.77 -35.13
CA ILE B 64 -7.92 -18.59 -35.90
C ILE B 64 -6.68 -19.13 -36.61
N THR B 65 -6.73 -19.19 -37.94
CA THR B 65 -5.63 -19.73 -38.76
C THR B 65 -4.55 -18.70 -39.04
N ARG B 66 -3.30 -19.18 -39.19
CA ARG B 66 -2.13 -18.35 -39.52
C ARG B 66 -1.91 -18.38 -41.05
N ALA B 67 -1.49 -17.22 -41.62
CA ALA B 67 -1.19 -17.07 -43.07
C ALA B 67 -0.19 -15.95 -43.33
N ALA B 68 0.70 -16.13 -44.35
CA ALA B 68 1.74 -15.19 -44.80
C ALA B 68 2.67 -14.69 -43.68
N ALA B 71 0.67 -12.94 -40.95
CA ALA B 71 -0.02 -11.88 -40.22
C ALA B 71 -0.60 -10.79 -41.17
N PRO B 72 -1.74 -10.13 -40.82
CA PRO B 72 -2.57 -10.30 -39.62
C PRO B 72 -3.48 -11.53 -39.70
N ASP B 73 -3.35 -12.43 -38.70
CA ASP B 73 -4.07 -13.71 -38.61
C ASP B 73 -5.60 -13.53 -38.65
N VAL B 74 -6.12 -12.43 -38.07
CA VAL B 74 -7.54 -12.06 -38.09
C VAL B 74 -7.66 -10.55 -37.79
N LEU B 75 -8.70 -9.91 -38.35
CA LEU B 75 -8.98 -8.49 -38.19
C LEU B 75 -10.42 -8.30 -37.73
N VAL B 76 -10.63 -7.42 -36.75
CA VAL B 76 -11.96 -7.12 -36.19
C VAL B 76 -12.23 -5.64 -36.45
N ASP B 77 -13.39 -5.33 -37.07
CA ASP B 77 -13.77 -3.97 -37.41
C ASP B 77 -14.19 -3.14 -36.17
N THR B 78 -13.44 -2.05 -35.91
CA THR B 78 -13.68 -1.15 -34.77
C THR B 78 -14.32 0.19 -35.18
N THR B 79 -14.74 0.34 -36.46
CA THR B 79 -15.37 1.56 -36.97
C THR B 79 -16.72 1.81 -36.28
N GLY B 80 -16.86 3.00 -35.70
CA GLY B 80 -18.06 3.40 -34.98
C GLY B 80 -17.88 3.32 -33.47
N GLN B 81 -16.90 2.50 -33.03
CA GLN B 81 -16.57 2.33 -31.60
C GLN B 81 -15.64 3.47 -31.17
N SER B 82 -16.09 4.27 -30.19
CA SER B 82 -15.36 5.44 -29.67
C SER B 82 -15.85 5.82 -28.28
N ASN B 83 -14.93 6.31 -27.43
CA ASN B 83 -15.16 6.79 -26.06
C ASN B 83 -15.99 5.79 -25.18
N GLU B 84 -15.77 4.47 -25.41
CA GLU B 84 -16.47 3.36 -24.77
C GLU B 84 -15.48 2.30 -24.32
N THR B 85 -15.84 1.59 -23.24
CA THR B 85 -15.12 0.41 -22.76
C THR B 85 -16.03 -0.75 -23.19
N MET B 86 -15.52 -1.61 -24.05
CA MET B 86 -16.26 -2.74 -24.59
C MET B 86 -15.53 -4.04 -24.26
N LEU B 87 -16.19 -5.18 -24.52
CA LEU B 87 -15.57 -6.49 -24.35
C LEU B 87 -15.41 -7.11 -25.74
N LEU B 88 -14.17 -7.50 -26.10
CA LEU B 88 -13.95 -8.24 -27.34
C LEU B 88 -14.33 -9.67 -26.98
N CYS B 89 -15.33 -10.22 -27.66
CA CYS B 89 -15.88 -11.55 -27.40
C CYS B 89 -15.81 -12.49 -28.59
N LEU B 90 -15.63 -13.78 -28.30
CA LEU B 90 -15.70 -14.87 -29.28
C LEU B 90 -17.09 -15.49 -29.01
N THR B 91 -17.96 -15.47 -30.01
CA THR B 91 -19.36 -15.91 -29.90
C THR B 91 -19.75 -17.04 -30.84
N ILE B 92 -20.57 -17.98 -30.33
CA ILE B 92 -21.18 -19.02 -31.17
C ILE B 92 -22.67 -18.66 -31.27
N ASP B 93 -23.21 -18.66 -32.50
CA ASP B 93 -24.60 -18.33 -32.77
C ASP B 93 -25.16 -19.44 -33.66
N LEU B 94 -25.84 -20.42 -33.04
CA LEU B 94 -26.40 -21.58 -33.74
C LEU B 94 -27.64 -21.24 -34.61
N ASN B 95 -28.13 -19.97 -34.57
CA ASN B 95 -29.23 -19.54 -35.44
C ASN B 95 -28.67 -19.24 -36.83
N GLN B 96 -27.34 -18.98 -36.92
CA GLN B 96 -26.67 -18.70 -38.18
C GLN B 96 -26.46 -19.99 -38.99
N VAL B 97 -26.16 -19.84 -40.28
CA VAL B 97 -25.96 -20.97 -41.17
C VAL B 97 -24.51 -20.96 -41.66
N ASN B 98 -23.79 -22.07 -41.46
CA ASN B 98 -22.43 -22.20 -41.98
C ASN B 98 -22.55 -22.52 -43.48
N VAL B 99 -21.88 -21.73 -44.34
CA VAL B 99 -21.99 -21.89 -45.78
C VAL B 99 -20.79 -22.62 -46.38
N PRO B 100 -20.94 -23.90 -46.78
CA PRO B 100 -19.83 -24.59 -47.44
C PRO B 100 -19.79 -24.25 -48.93
N SER B 101 -18.63 -24.46 -49.54
CA SER B 101 -18.40 -24.27 -50.97
C SER B 101 -17.36 -25.31 -51.41
N GLY B 102 -17.30 -25.57 -52.72
CA GLY B 102 -16.36 -26.53 -53.30
C GLY B 102 -16.81 -27.94 -53.01
N THR B 103 -15.91 -28.92 -53.08
CA THR B 103 -16.34 -30.31 -52.86
C THR B 103 -15.20 -31.18 -52.40
N VAL B 104 -15.54 -32.24 -51.65
CA VAL B 104 -14.68 -33.32 -51.24
C VAL B 104 -14.68 -34.19 -52.53
N GLY B 105 -13.50 -34.65 -52.94
CA GLY B 105 -13.32 -35.36 -54.20
C GLY B 105 -12.39 -34.52 -55.04
N THR B 106 -12.69 -33.22 -55.07
CA THR B 106 -11.81 -32.18 -55.58
C THR B 106 -11.19 -31.73 -54.24
N ASN B 107 -10.13 -30.94 -54.27
CA ASN B 107 -9.61 -30.54 -52.96
C ASN B 107 -9.95 -29.06 -52.77
N THR B 108 -11.27 -28.76 -52.79
CA THR B 108 -11.83 -27.41 -52.74
C THR B 108 -12.89 -27.17 -51.65
N TYR B 109 -13.11 -28.13 -50.74
CA TYR B 109 -14.10 -27.95 -49.68
C TYR B 109 -13.65 -26.90 -48.66
N ALA B 110 -14.50 -25.89 -48.46
CA ALA B 110 -14.30 -24.78 -47.53
C ALA B 110 -15.63 -24.37 -46.92
N VAL B 111 -15.63 -23.86 -45.68
CA VAL B 111 -16.84 -23.41 -45.00
C VAL B 111 -16.66 -21.98 -44.49
N ASP B 112 -17.67 -21.13 -44.72
CA ASP B 112 -17.73 -19.79 -44.15
C ASP B 112 -18.53 -19.99 -42.87
N TYR B 113 -17.84 -20.02 -41.70
CA TYR B 113 -18.46 -20.26 -40.40
C TYR B 113 -19.18 -19.05 -39.82
N LYS B 114 -20.41 -18.77 -40.33
CA LYS B 114 -21.25 -17.67 -39.87
C LYS B 114 -21.73 -17.87 -38.43
N GLN B 115 -21.68 -19.13 -37.93
CA GLN B 115 -22.03 -19.47 -36.55
C GLN B 115 -20.97 -18.98 -35.55
N ILE B 116 -19.83 -18.46 -36.03
CA ILE B 116 -18.74 -17.97 -35.18
C ILE B 116 -18.45 -16.51 -35.51
N ARG B 117 -18.39 -15.65 -34.48
CA ARG B 117 -17.99 -14.25 -34.66
C ARG B 117 -17.10 -13.75 -33.56
N LEU B 118 -16.24 -12.78 -33.92
CA LEU B 118 -15.40 -11.99 -33.03
C LEU B 118 -16.14 -10.65 -33.05
N GLU B 119 -16.58 -10.17 -31.87
CA GLU B 119 -17.41 -8.96 -31.79
C GLU B 119 -17.21 -8.15 -30.51
N PHE B 120 -17.73 -6.90 -30.50
CA PHE B 120 -17.65 -6.06 -29.31
C PHE B 120 -19.01 -6.04 -28.65
N LEU B 121 -19.04 -6.35 -27.36
CA LEU B 121 -20.27 -6.36 -26.60
C LEU B 121 -20.08 -5.50 -25.37
N ASP B 122 -21.18 -4.87 -24.89
CA ASP B 122 -21.09 -4.16 -23.64
C ASP B 122 -21.21 -5.22 -22.51
N VAL B 123 -20.87 -4.88 -21.28
CA VAL B 123 -20.88 -5.82 -20.15
C VAL B 123 -22.29 -6.46 -19.93
N PRO B 124 -23.43 -5.72 -19.85
CA PRO B 124 -24.72 -6.42 -19.64
C PRO B 124 -25.11 -7.42 -20.74
N THR B 125 -24.74 -7.16 -22.01
CA THR B 125 -25.05 -8.07 -23.12
C THR B 125 -24.20 -9.34 -22.99
N LEU B 126 -22.90 -9.18 -22.71
CA LEU B 126 -22.03 -10.33 -22.50
C LEU B 126 -22.57 -11.20 -21.36
N LEU B 127 -22.90 -10.59 -20.20
CA LEU B 127 -23.41 -11.32 -19.02
C LEU B 127 -24.67 -12.14 -19.30
N LYS B 128 -25.58 -11.64 -20.17
CA LYS B 128 -26.81 -12.34 -20.55
C LYS B 128 -26.56 -13.58 -21.41
N GLN B 129 -25.40 -13.64 -22.10
CA GLN B 129 -25.04 -14.78 -22.94
C GLN B 129 -23.65 -15.40 -22.60
N TYR B 130 -23.18 -15.16 -21.37
CA TYR B 130 -21.89 -15.63 -20.88
C TYR B 130 -21.92 -17.14 -20.64
N TRP B 131 -20.94 -17.87 -21.21
CA TRP B 131 -20.83 -19.34 -21.07
C TRP B 131 -20.80 -19.80 -19.61
N ARG B 132 -20.27 -18.97 -18.69
CA ARG B 132 -20.17 -19.35 -17.27
C ARG B 132 -21.51 -19.39 -16.57
N ASP B 133 -22.56 -18.78 -17.17
CA ASP B 133 -23.90 -18.73 -16.60
C ASP B 133 -24.98 -19.35 -17.44
N HIS B 134 -24.71 -19.51 -18.73
CA HIS B 134 -25.69 -20.04 -19.67
C HIS B 134 -25.04 -21.04 -20.59
N SER B 135 -25.83 -21.96 -21.15
CA SER B 135 -25.27 -23.00 -21.99
C SER B 135 -26.12 -23.35 -23.20
N LEU B 136 -25.44 -23.68 -24.31
CA LEU B 136 -26.03 -24.19 -25.55
C LEU B 136 -26.63 -25.59 -25.24
N HIS B 137 -26.04 -26.30 -24.26
CA HIS B 137 -26.41 -27.64 -23.82
C HIS B 137 -27.36 -27.64 -22.60
N ASP B 138 -27.73 -26.46 -22.07
CA ASP B 138 -28.58 -26.33 -20.87
C ASP B 138 -29.88 -27.11 -20.95
N LEU B 139 -30.23 -27.76 -19.82
CA LEU B 139 -31.43 -28.59 -19.70
C LEU B 139 -32.71 -27.76 -19.68
N ILE B 140 -32.80 -26.79 -18.75
CA ILE B 140 -33.98 -25.96 -18.52
C ILE B 140 -34.04 -24.75 -19.49
N ASP B 141 -32.95 -23.98 -19.65
CA ASP B 141 -32.93 -22.81 -20.53
C ASP B 141 -31.87 -22.92 -21.67
N PRO B 142 -31.99 -23.90 -22.63
CA PRO B 142 -30.96 -24.01 -23.68
C PRO B 142 -30.86 -22.75 -24.53
N ARG B 143 -29.63 -22.35 -24.84
CA ARG B 143 -29.36 -21.16 -25.61
C ARG B 143 -28.88 -21.52 -27.00
N ARG B 144 -28.98 -20.55 -27.91
CA ARG B 144 -28.52 -20.69 -29.28
C ARG B 144 -27.31 -19.78 -29.47
N VAL B 145 -27.13 -18.78 -28.59
CA VAL B 145 -25.98 -17.88 -28.71
C VAL B 145 -25.26 -17.79 -27.33
N ILE B 146 -23.93 -18.03 -27.38
CA ILE B 146 -23.06 -18.06 -26.19
C ILE B 146 -21.74 -17.36 -26.48
N SER B 147 -21.20 -16.63 -25.50
CA SER B 147 -19.98 -15.86 -25.71
C SER B 147 -18.90 -16.07 -24.66
N MET B 148 -17.65 -15.84 -25.08
CA MET B 148 -16.50 -15.84 -24.20
C MET B 148 -15.73 -14.52 -24.35
N PRO B 149 -15.61 -13.75 -23.26
CA PRO B 149 -14.88 -12.47 -23.34
C PRO B 149 -13.37 -12.71 -23.32
N LEU B 150 -12.64 -12.04 -24.20
CA LEU B 150 -11.19 -12.21 -24.32
C LEU B 150 -10.41 -11.02 -23.79
N TYR B 151 -10.90 -9.81 -24.07
CA TYR B 151 -10.23 -8.56 -23.70
C TYR B 151 -11.22 -7.48 -23.38
N TRP B 152 -10.82 -6.60 -22.46
CA TRP B 152 -11.51 -5.35 -22.18
C TRP B 152 -10.87 -4.42 -23.22
N ILE B 153 -11.66 -3.77 -24.05
CA ILE B 153 -11.13 -2.85 -25.07
C ILE B 153 -11.65 -1.45 -24.76
N THR B 154 -10.74 -0.52 -24.45
CA THR B 154 -11.19 0.85 -24.16
C THR B 154 -10.85 1.75 -25.34
N PHE B 155 -11.89 2.19 -26.06
CA PHE B 155 -11.74 3.05 -27.23
C PHE B 155 -11.68 4.51 -26.80
N GLY B 156 -10.75 5.25 -27.39
CA GLY B 156 -10.58 6.67 -27.16
C GLY B 156 -11.38 7.48 -28.18
N GLN B 157 -10.83 8.63 -28.60
CA GLN B 157 -11.47 9.49 -29.61
C GLN B 157 -11.23 8.93 -31.01
N THR B 158 -12.16 9.18 -31.96
CA THR B 158 -12.06 8.72 -33.35
C THR B 158 -10.70 9.09 -33.94
N GLY B 159 -9.94 8.08 -34.36
CA GLY B 159 -8.61 8.23 -34.91
C GLY B 159 -7.49 7.65 -34.06
N THR B 160 -7.81 7.19 -32.83
CA THR B 160 -6.82 6.60 -31.92
C THR B 160 -6.88 5.06 -31.90
N THR B 161 -5.75 4.41 -31.50
CA THR B 161 -5.65 2.96 -31.32
C THR B 161 -6.08 2.68 -29.86
N PRO B 162 -6.91 1.64 -29.61
CA PRO B 162 -7.42 1.43 -28.23
C PRO B 162 -6.46 0.80 -27.22
N LYS B 163 -6.80 0.96 -25.93
CA LYS B 163 -6.11 0.34 -24.80
C LYS B 163 -6.80 -1.01 -24.54
N TYR B 164 -6.03 -2.03 -24.13
CA TYR B 164 -6.55 -3.39 -23.91
C TYR B 164 -6.10 -4.02 -22.58
N GLU B 165 -6.92 -4.95 -22.06
CA GLU B 165 -6.64 -5.73 -20.86
C GLU B 165 -7.18 -7.13 -21.07
N GLN B 166 -6.29 -8.13 -21.11
CA GLN B 166 -6.64 -9.53 -21.31
C GLN B 166 -7.50 -10.05 -20.15
N ILE B 167 -8.55 -10.83 -20.48
CA ILE B 167 -9.43 -11.45 -19.50
C ILE B 167 -8.84 -12.86 -19.30
N LYS B 168 -7.87 -12.96 -18.39
CA LYS B 168 -7.09 -14.16 -18.13
C LYS B 168 -7.93 -15.36 -17.65
N SER B 169 -9.09 -15.13 -16.99
CA SER B 169 -9.99 -16.22 -16.56
C SER B 169 -10.48 -17.05 -17.78
N ASN B 170 -10.48 -16.47 -18.99
CA ASN B 170 -10.97 -17.13 -20.21
C ASN B 170 -9.83 -17.69 -21.09
N TYR B 171 -8.59 -17.63 -20.58
CA TYR B 171 -7.42 -18.22 -21.26
C TYR B 171 -6.91 -19.36 -20.39
N ILE B 172 -6.82 -20.58 -20.97
CA ILE B 172 -6.28 -21.75 -20.27
C ILE B 172 -4.80 -21.69 -20.63
N ASP B 173 -4.05 -20.90 -19.86
CA ASP B 173 -2.65 -20.60 -20.10
C ASP B 173 -1.72 -21.70 -19.58
N GLY B 174 -1.63 -21.80 -18.26
CA GLY B 174 -0.78 -22.77 -17.56
C GLY B 174 -1.12 -22.89 -16.09
N GLY B 175 -0.84 -24.06 -15.55
CA GLY B 175 -1.10 -24.38 -14.15
C GLY B 175 -2.26 -25.33 -13.99
N ASN B 176 -3.30 -25.15 -14.83
CA ASN B 176 -4.52 -25.93 -14.73
C ASN B 176 -4.90 -26.76 -15.97
N SER B 177 -3.91 -27.32 -16.73
CA SER B 177 -4.23 -28.27 -17.81
C SER B 177 -4.65 -29.55 -17.05
N GLY B 178 -4.95 -30.66 -17.73
CA GLY B 178 -5.37 -31.90 -17.06
C GLY B 178 -6.64 -31.85 -16.22
N ASN B 179 -6.78 -30.79 -15.41
CA ASN B 179 -7.88 -30.44 -14.49
C ASN B 179 -8.21 -28.93 -14.65
N PRO B 180 -8.72 -28.49 -15.84
CA PRO B 180 -8.92 -27.04 -16.07
C PRO B 180 -9.93 -26.33 -15.17
N ALA B 181 -10.95 -27.02 -14.69
CA ALA B 181 -11.97 -26.38 -13.85
C ALA B 181 -11.62 -26.42 -12.34
N TYR B 182 -10.50 -27.09 -11.97
CA TYR B 182 -10.08 -27.31 -10.57
C TYR B 182 -8.64 -26.84 -10.30
N GLY B 183 -7.94 -27.54 -9.41
CA GLY B 183 -6.57 -27.18 -9.03
C GLY B 183 -6.49 -26.00 -8.08
N ILE B 184 -5.26 -25.50 -7.89
CA ILE B 184 -4.96 -24.38 -7.00
C ILE B 184 -5.67 -23.08 -7.38
N ALA B 185 -6.33 -22.46 -6.42
CA ALA B 185 -6.98 -21.16 -6.57
C ALA B 185 -5.97 -20.08 -6.14
N ALA B 186 -5.27 -20.31 -5.01
CA ALA B 186 -4.31 -19.35 -4.48
C ALA B 186 -3.26 -20.05 -3.63
N ARG B 187 -2.03 -19.53 -3.64
CA ARG B 187 -0.91 -20.08 -2.86
C ARG B 187 0.09 -19.00 -2.65
N CYS B 188 0.90 -19.13 -1.60
CA CYS B 188 1.93 -18.13 -1.33
C CYS B 188 3.18 -18.81 -0.75
N GLU B 189 4.29 -18.08 -0.75
CA GLU B 189 5.52 -18.52 -0.09
C GLU B 189 5.37 -18.16 1.40
N ASN B 190 6.27 -18.69 2.26
CA ASN B 190 6.27 -18.34 3.68
C ASN B 190 6.48 -16.85 3.89
N PHE B 191 5.70 -16.26 4.81
CA PHE B 191 5.88 -14.86 5.18
C PHE B 191 5.73 -14.68 6.68
N ASN B 192 6.23 -13.54 7.17
CA ASN B 192 6.17 -13.13 8.57
C ASN B 192 5.23 -11.92 8.70
N HIS B 193 4.33 -11.94 9.68
CA HIS B 193 3.35 -10.86 9.82
C HIS B 193 3.09 -10.49 11.26
N PHE B 194 3.30 -9.21 11.58
CA PHE B 194 3.10 -8.67 12.91
C PHE B 194 1.63 -8.78 13.34
N ILE B 195 1.41 -9.20 14.59
CA ILE B 195 0.05 -9.32 15.11
C ILE B 195 -0.33 -7.99 15.79
N ASN B 196 -1.33 -7.28 15.24
CA ASN B 196 -1.81 -6.01 15.84
C ASN B 196 -2.43 -6.29 17.20
N LYS B 197 -2.39 -5.29 18.08
CA LYS B 197 -2.89 -5.42 19.46
C LYS B 197 -4.41 -5.29 19.50
N VAL B 198 -5.11 -6.24 18.85
CA VAL B 198 -6.58 -6.25 18.76
C VAL B 198 -7.14 -7.65 18.97
N ALA B 199 -8.43 -7.75 19.30
CA ALA B 199 -9.12 -9.03 19.53
C ALA B 199 -9.25 -9.85 18.24
N VAL B 200 -9.59 -9.19 17.11
CA VAL B 200 -9.84 -9.87 15.83
C VAL B 200 -9.16 -9.10 14.69
N GLN B 201 -8.39 -9.81 13.85
CA GLN B 201 -7.74 -9.19 12.69
C GLN B 201 -7.60 -10.16 11.54
N SER B 202 -7.63 -9.64 10.34
CA SER B 202 -7.42 -10.47 9.16
C SER B 202 -5.92 -10.65 8.94
N ILE B 203 -5.54 -11.81 8.39
CA ILE B 203 -4.17 -12.14 8.02
C ILE B 203 -4.04 -11.78 6.53
N PRO B 204 -3.11 -10.90 6.14
CA PRO B 204 -3.04 -10.47 4.73
C PRO B 204 -2.50 -11.57 3.82
N ILE B 205 -3.40 -12.13 3.01
CA ILE B 205 -3.08 -13.25 2.11
C ILE B 205 -2.82 -12.83 0.66
N ASN B 206 -2.88 -11.52 0.34
CA ASN B 206 -2.79 -11.08 -1.04
C ASN B 206 -1.42 -10.55 -1.47
N GLY B 207 -0.36 -10.92 -0.77
CA GLY B 207 0.99 -10.59 -1.21
C GLY B 207 1.76 -9.49 -0.52
N VAL B 208 1.16 -8.86 0.50
CA VAL B 208 1.82 -7.80 1.26
C VAL B 208 1.63 -8.13 2.74
N ALA B 209 2.74 -8.26 3.48
CA ALA B 209 2.62 -8.55 4.92
C ALA B 209 3.27 -7.43 5.73
N ASN B 210 2.89 -7.28 6.99
CA ASN B 210 3.54 -6.30 7.85
C ASN B 210 4.67 -7.03 8.54
N ARG B 211 5.83 -7.08 7.86
CA ARG B 211 6.98 -7.85 8.28
C ARG B 211 7.80 -7.25 9.42
N PRO B 212 7.99 -7.98 10.56
CA PRO B 212 8.90 -7.49 11.63
C PRO B 212 10.33 -7.39 11.08
N VAL B 213 10.95 -6.20 11.15
CA VAL B 213 12.28 -5.97 10.54
C VAL B 213 13.36 -5.55 11.56
N SER B 214 12.95 -5.08 12.76
CA SER B 214 13.88 -4.66 13.81
C SER B 214 13.21 -4.87 15.16
N SER B 215 13.93 -4.66 16.25
CA SER B 215 13.39 -4.79 17.59
C SER B 215 12.25 -3.78 17.89
N THR B 216 12.03 -2.76 17.02
CA THR B 216 11.00 -1.73 17.30
C THR B 216 10.00 -1.50 16.18
N ALA B 217 10.16 -2.17 15.05
CA ALA B 217 9.28 -1.93 13.91
C ALA B 217 9.09 -3.09 12.95
N SER B 218 7.96 -3.05 12.25
CA SER B 218 7.59 -3.95 11.18
C SER B 218 7.34 -3.05 9.96
N GLN B 219 7.53 -3.59 8.76
CA GLN B 219 7.23 -2.81 7.56
C GLN B 219 6.53 -3.63 6.51
N LEU B 220 5.60 -2.99 5.78
CA LEU B 220 4.85 -3.60 4.69
C LEU B 220 5.83 -4.06 3.64
N THR B 221 5.87 -5.39 3.42
CA THR B 221 6.82 -6.03 2.53
C THR B 221 6.10 -7.04 1.64
N ASN B 222 6.41 -7.03 0.35
CA ASN B 222 5.83 -7.98 -0.60
C ASN B 222 6.37 -9.38 -0.34
N TYR B 223 5.53 -10.38 -0.61
CA TYR B 223 5.93 -11.78 -0.61
C TYR B 223 5.29 -12.39 -1.85
N LYS B 224 5.85 -13.50 -2.34
CA LYS B 224 5.35 -14.21 -3.52
C LYS B 224 4.01 -14.85 -3.28
N VAL B 225 3.07 -14.56 -4.18
CA VAL B 225 1.70 -15.04 -4.13
C VAL B 225 1.25 -15.30 -5.57
N TRP B 226 0.33 -16.23 -5.76
CA TRP B 226 -0.21 -16.55 -7.09
C TRP B 226 -1.68 -16.85 -6.93
N ARG B 227 -2.47 -16.35 -7.87
CA ARG B 227 -3.91 -16.61 -7.92
C ARG B 227 -4.30 -17.12 -9.30
N ASN B 228 -5.20 -18.11 -9.34
CA ASN B 228 -5.77 -18.65 -10.57
C ASN B 228 -6.96 -17.69 -10.88
N PRO B 229 -6.90 -16.85 -11.94
CA PRO B 229 -7.98 -15.86 -12.18
C PRO B 229 -9.35 -16.45 -12.50
N TYR B 230 -9.39 -17.71 -12.92
CA TYR B 230 -10.62 -18.44 -13.16
C TYR B 230 -11.36 -18.74 -11.83
N LEU B 231 -10.61 -18.87 -10.72
CA LEU B 231 -11.16 -19.28 -9.41
C LEU B 231 -11.27 -18.17 -8.39
N CYS B 232 -10.30 -17.23 -8.39
CA CYS B 232 -10.31 -16.13 -7.44
C CYS B 232 -9.54 -14.90 -7.90
N SER B 233 -9.78 -13.77 -7.23
CA SER B 233 -9.09 -12.52 -7.50
C SER B 233 -8.94 -11.74 -6.21
N GLN B 234 -8.05 -10.77 -6.22
CA GLN B 234 -7.84 -9.88 -5.09
C GLN B 234 -9.02 -8.91 -5.04
N ASP B 235 -9.52 -8.63 -3.82
CA ASP B 235 -10.60 -7.68 -3.63
C ASP B 235 -10.14 -6.31 -4.14
N PRO B 236 -10.91 -5.65 -5.02
CA PRO B 236 -10.48 -4.34 -5.56
C PRO B 236 -10.61 -3.17 -4.56
N ARG B 237 -11.48 -3.29 -3.55
CA ARG B 237 -11.74 -2.24 -2.57
C ARG B 237 -10.56 -2.09 -1.65
N ASP B 238 -10.04 -0.87 -1.55
CA ASP B 238 -8.82 -0.55 -0.84
C ASP B 238 -8.81 -0.97 0.65
N LYS B 239 -9.96 -0.96 1.32
CA LYS B 239 -10.08 -1.42 2.72
C LYS B 239 -9.82 -2.95 2.82
N PHE B 240 -10.28 -3.71 1.81
CA PHE B 240 -10.23 -5.17 1.79
C PHE B 240 -9.13 -5.78 0.92
N ALA B 241 -8.49 -4.99 0.03
CA ALA B 241 -7.44 -5.43 -0.90
C ALA B 241 -6.27 -6.23 -0.24
N PRO B 242 -5.70 -5.85 0.93
CA PRO B 242 -4.62 -6.67 1.49
C PRO B 242 -5.06 -8.05 2.01
N ASP B 243 -6.34 -8.19 2.39
CA ASP B 243 -6.85 -9.37 3.09
C ASP B 243 -7.82 -10.30 2.38
N ASN B 244 -8.70 -9.77 1.53
CA ASN B 244 -9.76 -10.60 0.96
C ASN B 244 -9.56 -11.07 -0.46
N LEU B 245 -9.96 -12.32 -0.68
CA LEU B 245 -10.06 -12.90 -2.00
C LEU B 245 -11.53 -12.80 -2.37
N VAL B 246 -11.80 -12.69 -3.67
CA VAL B 246 -13.14 -12.75 -4.25
C VAL B 246 -13.18 -14.09 -4.94
N ILE B 247 -14.17 -14.91 -4.60
CA ILE B 247 -14.33 -16.23 -5.20
C ILE B 247 -15.10 -16.04 -6.52
N GLU B 248 -14.57 -16.64 -7.59
CA GLU B 248 -15.14 -16.49 -8.92
C GLU B 248 -15.95 -17.70 -9.36
N GLU B 249 -15.82 -18.82 -8.63
CA GLU B 249 -16.42 -20.09 -9.02
C GLU B 249 -16.89 -20.85 -7.78
N ASP B 250 -18.16 -21.29 -7.77
CA ASP B 250 -18.71 -22.08 -6.67
C ASP B 250 -17.90 -23.39 -6.53
N GLY B 251 -17.87 -23.93 -5.32
CA GLY B 251 -17.28 -25.23 -5.13
C GLY B 251 -16.92 -25.60 -3.71
N ILE B 252 -16.45 -26.83 -3.56
CA ILE B 252 -15.87 -27.26 -2.31
C ILE B 252 -14.39 -26.98 -2.50
N TYR B 253 -13.83 -26.20 -1.59
CA TYR B 253 -12.42 -25.83 -1.63
C TYR B 253 -11.70 -26.44 -0.45
N ARG B 254 -10.41 -26.68 -0.60
CA ARG B 254 -9.57 -27.13 0.50
C ARG B 254 -8.67 -25.94 0.87
N ILE B 255 -8.63 -25.60 2.15
CA ILE B 255 -7.74 -24.58 2.68
C ILE B 255 -6.67 -25.26 3.56
N ASP B 256 -5.39 -25.04 3.24
CA ASP B 256 -4.25 -25.55 4.03
C ASP B 256 -3.59 -24.32 4.63
N ILE B 257 -3.25 -24.34 5.91
CA ILE B 257 -2.45 -23.25 6.51
C ILE B 257 -1.36 -23.91 7.36
N SER B 258 -0.24 -23.23 7.52
CA SER B 258 0.84 -23.65 8.39
C SER B 258 1.66 -22.42 8.74
N GLY B 259 2.34 -22.50 9.86
CA GLY B 259 3.18 -21.41 10.32
C GLY B 259 3.40 -21.56 11.80
N SER B 260 3.82 -20.48 12.43
CA SER B 260 4.01 -20.50 13.86
C SER B 260 3.67 -19.13 14.44
N ILE B 261 3.42 -19.13 15.74
CA ILE B 261 3.24 -17.89 16.49
C ILE B 261 4.57 -17.69 17.23
N ASN B 262 5.30 -16.63 16.87
CA ASN B 262 6.61 -16.32 17.46
C ASN B 262 6.44 -15.22 18.51
N ILE B 263 7.25 -15.27 19.60
CA ILE B 263 7.21 -14.33 20.73
C ILE B 263 5.81 -14.40 21.37
N ALA B 264 5.27 -15.61 21.47
CA ALA B 264 3.94 -15.88 22.03
C ALA B 264 3.93 -15.51 23.50
N ASN B 265 2.86 -14.83 23.92
CA ASN B 265 2.71 -14.40 25.31
C ASN B 265 2.11 -15.52 26.16
N TYR B 266 2.41 -15.49 27.46
CA TYR B 266 1.95 -16.44 28.49
C TYR B 266 2.24 -15.87 29.87
N THR B 267 1.49 -16.32 30.86
CA THR B 267 1.71 -15.89 32.25
C THR B 267 2.89 -16.68 32.82
N PHE B 268 3.94 -15.94 33.18
CA PHE B 268 5.18 -16.47 33.72
C PHE B 268 4.96 -17.28 34.99
N PRO B 269 5.61 -18.47 35.08
CA PRO B 269 5.52 -19.27 36.32
C PRO B 269 6.17 -18.49 37.46
N ALA B 270 5.35 -18.12 38.46
CA ALA B 270 5.77 -17.38 39.65
C ALA B 270 5.28 -18.15 40.89
N SER B 271 5.73 -17.77 42.10
CA SER B 271 5.32 -18.43 43.35
C SER B 271 3.81 -18.35 43.61
N GLY B 272 3.18 -17.25 43.18
CA GLY B 272 1.75 -17.00 43.32
C GLY B 272 0.84 -17.95 42.55
N ASN B 273 1.28 -18.41 41.36
CA ASN B 273 0.52 -19.35 40.51
C ASN B 273 1.05 -20.79 40.60
N SER B 274 1.85 -21.09 41.65
CA SER B 274 2.48 -22.40 41.94
C SER B 274 3.45 -22.86 40.83
N TRP B 275 4.32 -21.91 40.38
CA TRP B 275 5.34 -22.04 39.34
C TRP B 275 4.80 -22.81 38.11
N ARG B 276 3.69 -22.28 37.55
CA ARG B 276 3.00 -22.85 36.39
C ARG B 276 2.79 -21.83 35.27
N VAL B 277 2.96 -22.29 34.01
CA VAL B 277 2.73 -21.47 32.82
C VAL B 277 1.21 -21.24 32.68
N GLY B 278 0.82 -19.98 32.56
CA GLY B 278 -0.56 -19.62 32.30
C GLY B 278 -0.70 -19.39 30.80
N GLY B 279 -1.30 -20.37 30.10
CA GLY B 279 -1.48 -20.31 28.65
C GLY B 279 -2.51 -19.27 28.24
N ARG B 280 -2.40 -18.79 27.00
CA ARG B 280 -3.30 -17.78 26.47
C ARG B 280 -3.98 -18.31 25.23
N TYR B 281 -5.31 -18.27 25.21
CA TYR B 281 -6.08 -18.80 24.09
C TYR B 281 -6.00 -17.94 22.82
N PHE B 282 -5.86 -18.61 21.67
CA PHE B 282 -5.93 -17.93 20.39
C PHE B 282 -6.58 -18.86 19.40
N GLN B 283 -7.11 -18.32 18.32
CA GLN B 283 -7.65 -19.13 17.24
C GLN B 283 -7.45 -18.49 15.90
N ILE B 284 -7.23 -19.34 14.90
CA ILE B 284 -7.11 -18.94 13.52
C ILE B 284 -8.33 -19.49 12.84
N VAL B 285 -9.08 -18.61 12.20
CA VAL B 285 -10.32 -18.98 11.55
C VAL B 285 -10.30 -18.65 10.06
N CYS B 286 -11.03 -19.42 9.25
CA CYS B 286 -11.22 -18.99 7.87
C CYS B 286 -12.66 -18.45 7.83
N ALA B 287 -12.92 -17.52 6.94
CA ALA B 287 -14.22 -16.88 6.90
C ALA B 287 -14.71 -16.63 5.50
N ARG B 288 -16.04 -16.61 5.33
CA ARG B 288 -16.67 -16.25 4.06
C ARG B 288 -17.73 -15.18 4.36
N ASN B 289 -17.94 -14.28 3.41
CA ASN B 289 -18.93 -13.21 3.57
C ASN B 289 -19.48 -12.90 2.19
N SER B 290 -20.81 -12.92 2.04
CA SER B 290 -21.48 -12.63 0.79
C SER B 290 -22.40 -11.41 0.87
N SER B 291 -22.22 -10.54 1.90
CA SER B 291 -23.09 -9.35 2.05
C SER B 291 -23.02 -8.41 0.83
N ALA B 292 -21.80 -8.19 0.27
CA ALA B 292 -21.64 -7.35 -0.91
C ALA B 292 -21.86 -8.14 -2.21
N ASN B 293 -22.86 -7.72 -3.01
CA ASN B 293 -23.13 -8.34 -4.30
C ASN B 293 -22.20 -7.73 -5.35
N ASN B 294 -22.09 -8.39 -6.52
CA ASN B 294 -21.38 -7.94 -7.71
C ASN B 294 -19.86 -7.78 -7.54
N LEU B 295 -19.25 -8.56 -6.63
CA LEU B 295 -17.79 -8.51 -6.49
C LEU B 295 -17.13 -9.39 -7.57
N ALA B 296 -17.84 -10.42 -8.09
CA ALA B 296 -17.33 -11.33 -9.12
C ALA B 296 -16.99 -10.57 -10.40
N GLU B 297 -16.11 -11.15 -11.23
CA GLU B 297 -15.65 -10.57 -12.48
C GLU B 297 -16.84 -10.05 -13.33
N PHE B 298 -16.68 -8.84 -13.91
CA PHE B 298 -17.70 -8.11 -14.71
C PHE B 298 -18.86 -7.59 -13.86
N GLY B 299 -18.75 -7.66 -12.54
CA GLY B 299 -19.82 -7.27 -11.64
C GLY B 299 -20.99 -8.23 -11.72
N ALA B 300 -20.73 -9.50 -12.10
CA ALA B 300 -21.74 -10.56 -12.25
C ALA B 300 -22.45 -10.79 -10.93
N GLU B 301 -23.73 -11.23 -11.00
CA GLU B 301 -24.56 -11.53 -9.84
C GLU B 301 -23.91 -12.66 -9.04
N GLN B 302 -23.85 -12.51 -7.73
CA GLN B 302 -23.27 -13.53 -6.87
C GLN B 302 -24.19 -14.75 -6.90
N HIS B 303 -23.65 -15.93 -6.59
CA HIS B 303 -24.46 -17.15 -6.51
C HIS B 303 -24.88 -17.25 -5.07
N LEU B 304 -26.19 -17.25 -4.83
CA LEU B 304 -26.70 -17.32 -3.47
C LEU B 304 -26.45 -18.67 -2.81
N PRO B 305 -25.90 -18.66 -1.58
CA PRO B 305 -25.60 -19.93 -0.89
C PRO B 305 -26.88 -20.57 -0.31
N PRO B 306 -26.87 -21.88 0.04
CA PRO B 306 -28.07 -22.47 0.65
C PRO B 306 -28.31 -21.90 2.06
N SER B 307 -29.56 -21.95 2.51
CA SER B 307 -29.95 -21.44 3.83
C SER B 307 -29.14 -22.19 4.92
N GLY B 308 -28.64 -21.44 5.90
CA GLY B 308 -27.84 -21.98 6.99
C GLY B 308 -26.35 -22.13 6.70
N VAL B 309 -25.86 -21.58 5.56
CA VAL B 309 -24.44 -21.63 5.15
C VAL B 309 -23.50 -21.11 6.26
N TRP B 310 -22.32 -21.75 6.43
CA TRP B 310 -21.31 -21.30 7.41
C TRP B 310 -20.78 -19.90 7.00
N THR B 311 -20.18 -19.19 7.96
CA THR B 311 -19.53 -17.88 7.73
C THR B 311 -18.14 -17.86 8.37
N ARG B 312 -17.94 -18.65 9.45
N ARG B 312 -17.94 -18.65 9.43
CA ARG B 312 -16.69 -18.74 10.20
CA ARG B 312 -16.67 -18.76 10.15
C ARG B 312 -16.38 -20.18 10.56
C ARG B 312 -16.38 -20.19 10.55
N ARG B 313 -15.11 -20.58 10.40
CA ARG B 313 -14.66 -21.93 10.74
C ARG B 313 -13.31 -21.91 11.41
N VAL B 314 -13.24 -22.49 12.61
CA VAL B 314 -12.02 -22.56 13.37
C VAL B 314 -11.08 -23.57 12.70
N LEU B 315 -9.87 -23.10 12.34
CA LEU B 315 -8.82 -23.95 11.77
C LEU B 315 -7.87 -24.44 12.85
N VAL B 316 -7.50 -23.54 13.78
CA VAL B 316 -6.59 -23.83 14.91
C VAL B 316 -7.18 -23.11 16.10
N GLY B 317 -7.34 -23.83 17.20
CA GLY B 317 -7.86 -23.29 18.44
C GLY B 317 -7.16 -23.96 19.60
N GLU B 318 -6.28 -23.20 20.31
CA GLU B 318 -5.53 -23.73 21.47
C GLU B 318 -4.90 -22.60 22.31
N TYR B 319 -4.13 -22.99 23.34
CA TYR B 319 -3.46 -22.03 24.20
C TYR B 319 -1.99 -21.93 23.84
N THR B 320 -1.37 -20.79 24.16
CA THR B 320 0.09 -20.66 24.02
C THR B 320 0.67 -21.63 25.07
N ALA B 321 1.81 -22.24 24.78
CA ALA B 321 2.33 -23.27 25.66
C ALA B 321 3.55 -22.90 26.52
N GLY B 322 3.93 -21.63 26.56
CA GLY B 322 5.06 -21.25 27.39
C GLY B 322 6.39 -21.30 26.68
N MET B 323 6.37 -21.49 25.35
CA MET B 323 7.55 -21.51 24.48
C MET B 323 7.61 -20.20 23.70
N THR B 324 8.80 -19.83 23.25
CA THR B 324 9.03 -18.62 22.46
C THR B 324 8.26 -18.73 21.13
N GLU B 325 8.27 -19.93 20.52
CA GLU B 325 7.61 -20.15 19.24
C GLU B 325 6.93 -21.51 19.20
N GLN B 326 5.71 -21.51 18.70
CA GLN B 326 4.82 -22.66 18.66
C GLN B 326 4.25 -22.78 17.25
N ALA B 327 4.45 -23.93 16.59
CA ALA B 327 3.97 -24.19 15.22
C ALA B 327 2.50 -24.66 15.21
N PHE B 328 1.84 -24.51 14.08
CA PHE B 328 0.47 -24.98 13.86
C PHE B 328 0.32 -25.35 12.39
N SER B 329 -0.69 -26.14 12.10
CA SER B 329 -1.03 -26.59 10.77
C SER B 329 -2.51 -26.96 10.79
N SER B 330 -3.19 -26.80 9.65
CA SER B 330 -4.62 -27.15 9.56
C SER B 330 -4.99 -27.30 8.12
N VAL B 331 -5.90 -28.21 7.84
CA VAL B 331 -6.42 -28.50 6.52
C VAL B 331 -7.94 -28.67 6.69
N ALA B 332 -8.75 -27.93 5.92
CA ALA B 332 -10.20 -28.07 5.98
C ALA B 332 -10.78 -27.98 4.59
N THR B 333 -11.94 -28.64 4.38
CA THR B 333 -12.70 -28.45 3.13
C THR B 333 -13.86 -27.58 3.52
N ILE B 334 -14.18 -26.60 2.67
CA ILE B 334 -15.20 -25.59 2.93
C ILE B 334 -15.97 -25.29 1.64
N SER B 335 -17.23 -24.89 1.76
CA SER B 335 -17.99 -24.50 0.58
C SER B 335 -17.76 -22.99 0.36
N LEU B 336 -17.62 -22.57 -0.89
CA LEU B 336 -17.45 -21.18 -1.30
C LEU B 336 -18.28 -20.92 -2.55
N PHE B 337 -18.80 -19.69 -2.67
CA PHE B 337 -19.71 -19.33 -3.78
C PHE B 337 -19.18 -18.15 -4.55
N LYS B 338 -19.45 -18.11 -5.87
CA LYS B 338 -19.11 -17.02 -6.79
C LYS B 338 -19.61 -15.69 -6.14
N GLY B 339 -18.72 -14.72 -5.99
CA GLY B 339 -19.03 -13.43 -5.39
C GLY B 339 -18.67 -13.34 -3.91
N ASP B 340 -18.35 -14.48 -3.28
CA ASP B 340 -17.98 -14.46 -1.86
C ASP B 340 -16.67 -13.79 -1.64
N ASN B 341 -16.51 -13.16 -0.45
CA ASN B 341 -15.21 -12.77 0.04
C ASN B 341 -14.74 -13.96 0.88
N PHE B 342 -13.45 -14.27 0.82
CA PHE B 342 -12.83 -15.33 1.61
C PHE B 342 -11.65 -14.68 2.28
N PHE B 343 -11.46 -14.95 3.59
CA PHE B 343 -10.33 -14.38 4.33
C PHE B 343 -9.99 -15.22 5.57
N LEU B 344 -8.83 -14.94 6.15
CA LEU B 344 -8.33 -15.63 7.35
C LEU B 344 -8.21 -14.65 8.48
N GLN B 345 -8.60 -15.05 9.70
CA GLN B 345 -8.52 -14.19 10.86
C GLN B 345 -7.77 -14.81 12.04
N PHE B 346 -7.06 -13.96 12.80
CA PHE B 346 -6.35 -14.31 14.03
C PHE B 346 -7.15 -13.67 15.16
N GLU B 347 -7.49 -14.49 16.18
CA GLU B 347 -8.29 -14.02 17.31
C GLU B 347 -7.69 -14.40 18.61
N THR B 348 -7.71 -13.47 19.57
CA THR B 348 -7.22 -13.66 20.93
C THR B 348 -7.80 -12.60 21.86
N GLY B 349 -7.49 -12.71 23.16
CA GLY B 349 -7.89 -11.74 24.17
C GLY B 349 -7.05 -10.48 24.06
N THR B 350 -7.49 -9.38 24.69
CA THR B 350 -6.78 -8.09 24.61
C THR B 350 -6.09 -7.66 25.91
N ASN B 351 -6.19 -8.46 26.97
CA ASN B 351 -5.50 -8.14 28.23
C ASN B 351 -4.18 -8.92 28.24
N THR B 352 -3.07 -8.24 27.96
CA THR B 352 -1.75 -8.86 27.85
C THR B 352 -1.21 -9.43 29.18
N SER B 353 -1.80 -9.06 30.31
CA SER B 353 -1.37 -9.61 31.60
C SER B 353 -2.28 -10.77 32.05
N ARG B 354 -3.31 -11.12 31.25
CA ARG B 354 -4.25 -12.18 31.64
C ARG B 354 -4.68 -13.16 30.50
N ASP B 355 -5.19 -12.66 29.38
CA ASP B 355 -5.75 -13.57 28.36
C ASP B 355 -5.22 -13.43 26.92
N SER B 356 -4.32 -12.49 26.66
CA SER B 356 -3.83 -12.29 25.30
C SER B 356 -2.67 -13.19 24.90
N ALA B 357 -2.70 -13.74 23.67
CA ALA B 357 -1.59 -14.51 23.10
C ALA B 357 -0.50 -13.52 22.62
N TYR B 358 -0.83 -12.22 22.49
CA TYR B 358 0.19 -11.23 22.11
C TYR B 358 0.73 -10.48 23.34
N ASN B 359 1.97 -9.99 23.20
CA ASN B 359 2.68 -9.26 24.26
C ASN B 359 2.59 -7.74 24.02
N ASN B 360 3.48 -6.97 24.66
CA ASN B 360 3.48 -5.51 24.53
C ASN B 360 4.63 -5.00 23.63
N GLY B 361 5.33 -5.89 22.96
CA GLY B 361 6.45 -5.52 22.10
C GLY B 361 6.03 -5.19 20.67
N TYR B 362 6.97 -4.65 19.90
CA TYR B 362 6.80 -4.26 18.49
C TYR B 362 7.93 -4.82 17.67
N GLY B 363 7.71 -4.92 16.35
CA GLY B 363 8.69 -5.52 15.45
C GLY B 363 8.99 -6.95 15.85
N THR B 364 10.28 -7.32 15.83
CA THR B 364 10.75 -8.66 16.22
C THR B 364 10.65 -8.91 17.74
N SER B 365 10.42 -7.87 18.56
CA SER B 365 10.22 -8.04 20.01
C SER B 365 8.74 -8.28 20.32
N GLY B 366 7.89 -8.22 19.30
CA GLY B 366 6.45 -8.36 19.50
C GLY B 366 5.94 -9.64 18.90
N THR B 367 4.81 -10.16 19.43
CA THR B 367 4.18 -11.38 18.91
C THR B 367 3.85 -11.24 17.43
N HIS B 368 4.23 -12.26 16.65
CA HIS B 368 4.00 -12.26 15.21
C HIS B 368 3.86 -13.63 14.63
N LEU B 369 3.25 -13.74 13.46
CA LEU B 369 3.16 -14.98 12.71
C LEU B 369 4.48 -15.10 11.94
N ARG B 370 5.09 -16.29 11.97
CA ARG B 370 6.36 -16.55 11.29
C ARG B 370 6.18 -17.76 10.39
N ASN B 371 6.82 -17.74 9.20
CA ASN B 371 6.76 -18.85 8.23
C ASN B 371 5.34 -19.24 7.87
N PHE B 372 4.46 -18.25 7.76
CA PHE B 372 3.06 -18.50 7.47
C PHE B 372 2.89 -18.66 5.99
N SER B 373 2.09 -19.64 5.58
CA SER B 373 1.72 -19.84 4.18
C SER B 373 0.41 -20.58 4.10
N TYR B 374 -0.22 -20.54 2.92
CA TYR B 374 -1.48 -21.20 2.69
C TYR B 374 -1.57 -21.66 1.25
N THR B 375 -2.50 -22.57 1.00
CA THR B 375 -2.93 -23.03 -0.32
C THR B 375 -4.44 -23.15 -0.24
N LEU B 376 -5.11 -22.58 -1.25
CA LEU B 376 -6.55 -22.70 -1.45
C LEU B 376 -6.70 -23.47 -2.76
N GLU B 377 -7.47 -24.55 -2.75
CA GLU B 377 -7.63 -25.38 -3.93
C GLU B 377 -9.08 -25.78 -4.14
N ARG B 378 -9.58 -25.74 -5.38
CA ARG B 378 -10.95 -26.19 -5.68
C ARG B 378 -10.92 -27.72 -5.81
N VAL B 379 -11.70 -28.44 -5.00
CA VAL B 379 -11.66 -29.91 -4.97
C VAL B 379 -13.01 -30.57 -5.31
N GLY B 380 -14.08 -29.79 -5.39
CA GLY B 380 -15.39 -30.33 -5.73
C GLY B 380 -16.33 -29.28 -6.26
N ASP B 381 -17.40 -29.70 -6.92
CA ASP B 381 -18.39 -28.76 -7.43
C ASP B 381 -19.62 -28.74 -6.50
N LEU B 382 -20.54 -27.79 -6.73
CA LEU B 382 -21.75 -27.68 -5.94
C LEU B 382 -23.02 -27.78 -6.80
N ASN B 383 -22.93 -28.53 -7.91
CA ASN B 383 -24.06 -28.73 -8.82
C ASN B 383 -25.06 -29.73 -8.23
N GLY B 384 -26.30 -29.65 -8.70
CA GLY B 384 -27.38 -30.54 -8.29
C GLY B 384 -27.62 -30.60 -6.80
N THR B 385 -27.79 -31.81 -6.27
CA THR B 385 -28.08 -32.09 -4.86
C THR B 385 -26.94 -31.67 -3.90
N ALA B 386 -25.68 -31.64 -4.37
CA ALA B 386 -24.52 -31.22 -3.55
C ALA B 386 -24.68 -29.80 -3.02
N TYR B 387 -25.39 -28.92 -3.76
CA TYR B 387 -25.67 -27.54 -3.34
C TYR B 387 -26.28 -27.51 -1.94
N TYR B 388 -27.32 -28.34 -1.68
CA TYR B 388 -27.96 -28.39 -0.36
C TYR B 388 -27.27 -29.33 0.64
N ASP B 389 -26.78 -30.49 0.18
CA ASP B 389 -26.16 -31.51 1.04
C ASP B 389 -24.74 -31.17 1.51
N ASN B 390 -23.94 -30.53 0.65
CA ASN B 390 -22.52 -30.20 0.86
C ASN B 390 -22.25 -28.69 0.96
N GLY B 391 -23.17 -27.85 0.45
CA GLY B 391 -23.00 -26.41 0.35
C GLY B 391 -23.09 -25.54 1.59
N THR B 392 -23.68 -26.07 2.68
CA THR B 392 -23.86 -25.30 3.92
C THR B 392 -22.60 -25.24 4.81
N PHE B 393 -21.59 -26.08 4.54
CA PHE B 393 -20.34 -26.10 5.33
C PHE B 393 -19.13 -26.32 4.43
#